data_6O96
#
_entry.id   6O96
#
_cell.length_a   1.00
_cell.length_b   1.00
_cell.length_c   1.00
_cell.angle_alpha   90.000
_cell.angle_beta   90.000
_cell.angle_gamma   90.000
#
_symmetry.space_group_name_H-M   'P 1'
#
loop_
_entity.id
_entity.type
_entity.pdbx_description
1 polymer 'Histone H3.2'
2 polymer 'Histone H4'
3 polymer 'Histone H2A'
4 polymer 'Histone H2B 1.1'
5 polymer 'DNA (146-MER)'
6 polymer 'DNA (146-MER)'
7 polymer 'Histone-lysine N-methyltransferase, H3 lysine-79 specific'
8 polymer Polyubiquitin-B
9 non-polymer S-ADENOSYL-L-HOMOCYSTEINE
#
loop_
_entity_poly.entity_id
_entity_poly.type
_entity_poly.pdbx_seq_one_letter_code
_entity_poly.pdbx_strand_id
1 'polypeptide(L)'
;ARTKQTARKSTGGKAPRKQLATKAARKSAPATGGVKKPHRYRPGTVALREIRRYQKSTELLIRKLPFQRLVREIAQDFKT
DLRFQSSAVMALQEASEAYLVALFEDTNLCAIHAKRVTIMPKDIQLARRIRGERA
;
A,E
2 'polypeptide(L)'
;MSGRGKGGKGLGKGGAKRHRKVLRDNIQGITKPAIRRLARRGGVKRISGLIYEETRGVLKVFLENVIRDAVTYTEHAKRK
TVTAMDVVYALKRQGRTLYGFGG
;
B,F
3 'polypeptide(L)'
;MSGRGKQGGKTRAKAKTRSSRAGLQFPVGRVHRLLRKGNYAERVGAGAPVYLAAVLEYLTAEILELAGNAARDNKKTRII
PRHLQLAVRNDEELNKLLGRVTIAQGGVLPNIQSVLLPKKTESSKSAKSK
;
C,G
4 'polypeptide(L)'
;MAKSAPAPKKGSKKAVTKTQKKDGKKRRKTRKESYAIYVYKVLKQVHPDTGISSKAMSIMNSFVNDVFERIAGEASRLAH
YNKRSTITSREIQTAVRLLLPGELAKHAVSEGTKAVTCYTSAK
;
D,H
5 'polydeoxyribonucleotide'
;(DT)(DC)(DG)(DA)(DG)(DA)(DA)(DT)(DC)(DC)(DC)(DG)(DG)(DT)(DG)(DC)(DC)(DG)(DA)(DG)
(DG)(DC)(DC)(DG)(DC)(DT)(DC)(DA)(DA)(DT)(DT)(DG)(DG)(DT)(DC)(DG)(DT)(DA)(DG)(DA)
(DC)(DA)(DG)(DC)(DT)(DC)(DT)(DA)(DG)(DC)(DA)(DC)(DC)(DG)(DC)(DT)(DT)(DA)(DA)(DA)
(DC)(DG)(DC)(DA)(DC)(DG)(DT)(DA)(DC)(DG)(DG)(DA)(DT)(DT)(DC)(DT)(DC)(DC)(DC)(DC)
(DC)(DG)(DC)(DG)(DT)(DT)(DT)(DT)(DA)(DA)(DC)(DC)(DG)(DC)(DC)(DA)(DA)(DG)(DG)(DG)
(DG)(DA)(DT)(DT)(DA)(DC)(DT)(DC)(DC)(DC)(DT)(DA)(DG)(DT)(DC)(DT)(DC)(DC)(DA)(DG)
(DG)(DC)(DA)(DC)(DG)(DT)(DG)(DT)(DC)(DA)(DG)(DA)(DT)(DA)(DT)(DA)(DT)(DA)(DC)(DA)
(DT)(DC)(DC)(DG)(DA)(DT)
;
I
6 'polydeoxyribonucleotide'
;(DA)(DT)(DC)(DG)(DG)(DA)(DT)(DG)(DT)(DA)(DT)(DA)(DT)(DA)(DT)(DC)(DT)(DG)(DA)(DC)
(DA)(DC)(DG)(DT)(DG)(DC)(DC)(DT)(DG)(DG)(DA)(DG)(DA)(DC)(DT)(DA)(DG)(DG)(DG)(DA)
(DG)(DT)(DA)(DA)(DT)(DC)(DC)(DC)(DC)(DT)(DT)(DG)(DG)(DC)(DG)(DG)(DT)(DT)(DA)(DA)
(DA)(DA)(DC)(DG)(DC)(DG)(DG)(DG)(DG)(DG)(DA)(DG)(DA)(DA)(DT)(DC)(DC)(DG)(DT)(DA)
(DC)(DG)(DT)(DG)(DC)(DG)(DT)(DT)(DT)(DA)(DA)(DG)(DC)(DG)(DG)(DT)(DG)(DC)(DT)(DA)
(DG)(DA)(DG)(DC)(DT)(DG)(DT)(DC)(DT)(DA)(DC)(DG)(DA)(DC)(DC)(DA)(DA)(DT)(DT)(DG)
(DA)(DG)(DC)(DG)(DG)(DC)(DC)(DT)(DC)(DG)(DG)(DC)(DA)(DC)(DC)(DG)(DG)(DG)(DA)(DT)
(DT)(DC)(DT)(DC)(DG)(DA)
;
J
7 'polypeptide(L)'
;GEKLELRLKSPVGAEPAVYPWPLPVYDKHHDAAHEIIETIRWVCEEIPDLKLAMENYVLIDYDTKSFESMQRLCDKYNRA
IDSIHQLWKGTTQPMKLNTRPSTGLLRHILQQVYNHSVTDPEKLNNYEPFSPEVYGETSFDLVAQMIDEIKMTDDDLFVD
LGSGVGQVVLQVAAATNCKHHYGVEKADIPAKYAETMDREFRKWMKWYGKKHAEYTLERGDFLSEEWRERIANTSVIFVN
NFAFGPEVDHQLKERFANMKEGGRIVSSKPFAPLNFRINSRNLSDIGTIMRVVELSPLKGSVSWTGKPVSYYLHTIDRTI
LENYFSSLKNP
;
K
8 'polypeptide(L)' MQIFVKTLTGKTITLEVEPSDTIENVKAKIQDKEGIPPDQQRLIFAGKQLEDGRTLSDYNIQKESTLHLVLRLRGC L
#
# COMPACT_ATOMS: atom_id res chain seq x y z
N LYS A 37 -27.89 30.29 42.82
CA LYS A 37 -27.68 30.07 41.40
C LYS A 37 -26.21 30.29 41.04
N PRO A 38 -25.53 29.23 40.59
CA PRO A 38 -24.12 29.37 40.21
C PRO A 38 -23.97 30.06 38.86
N HIS A 39 -22.79 30.63 38.61
CA HIS A 39 -22.53 31.25 37.32
C HIS A 39 -22.11 30.18 36.32
N ARG A 40 -22.86 30.09 35.22
CA ARG A 40 -22.64 29.04 34.23
C ARG A 40 -22.81 29.66 32.85
N TYR A 41 -21.76 29.58 32.02
CA TYR A 41 -21.83 30.03 30.64
C TYR A 41 -22.79 29.15 29.86
N ARG A 42 -23.46 29.74 28.88
CA ARG A 42 -24.35 28.96 28.03
C ARG A 42 -23.52 28.01 27.17
N PRO A 43 -24.09 26.86 26.79
CA PRO A 43 -23.36 25.93 25.93
C PRO A 43 -23.07 26.53 24.57
N GLY A 44 -21.80 26.80 24.32
CA GLY A 44 -21.35 27.34 23.08
C GLY A 44 -20.28 28.41 23.17
N THR A 45 -20.10 29.04 24.34
CA THR A 45 -19.17 30.15 24.38
C THR A 45 -17.86 29.80 25.08
N VAL A 46 -17.86 28.75 25.90
CA VAL A 46 -16.59 28.21 26.37
C VAL A 46 -15.87 27.55 25.21
N ALA A 47 -16.62 27.02 24.25
CA ALA A 47 -16.04 26.51 23.02
C ALA A 47 -15.37 27.61 22.21
N LEU A 48 -16.03 28.75 22.05
CA LEU A 48 -15.42 29.84 21.28
C LEU A 48 -14.25 30.45 22.02
N ARG A 49 -14.29 30.47 23.34
CA ARG A 49 -13.14 30.94 24.10
C ARG A 49 -11.97 29.98 23.97
N GLU A 50 -12.24 28.66 23.95
CA GLU A 50 -11.21 27.68 23.68
C GLU A 50 -10.66 27.82 22.27
N ILE A 51 -11.51 28.16 21.30
CA ILE A 51 -11.05 28.33 19.93
C ILE A 51 -10.08 29.49 19.82
N ARG A 52 -10.44 30.63 20.42
CA ARG A 52 -9.55 31.78 20.41
C ARG A 52 -8.24 31.48 21.13
N ARG A 53 -8.31 30.73 22.23
CA ARG A 53 -7.10 30.43 22.99
C ARG A 53 -6.17 29.49 22.22
N TYR A 54 -6.70 28.38 21.73
CA TYR A 54 -5.84 27.41 21.06
C TYR A 54 -5.44 27.87 19.67
N GLN A 55 -6.16 28.80 19.07
CA GLN A 55 -5.71 29.37 17.81
C GLN A 55 -4.64 30.42 18.02
N LYS A 56 -4.71 31.20 19.10
CA LYS A 56 -3.72 32.24 19.26
C LYS A 56 -2.42 31.74 19.89
N SER A 57 -2.38 30.50 20.37
CA SER A 57 -1.16 29.94 20.91
C SER A 57 -0.67 28.83 19.99
N THR A 58 0.57 28.40 20.20
CA THR A 58 1.23 27.53 19.26
C THR A 58 1.85 26.29 19.88
N GLU A 59 1.50 25.94 21.11
CA GLU A 59 2.10 24.77 21.74
C GLU A 59 1.51 23.49 21.18
N LEU A 60 2.08 22.37 21.58
CA LEU A 60 1.60 21.07 21.13
C LEU A 60 0.39 20.67 21.95
N LEU A 61 -0.52 19.94 21.33
CA LEU A 61 -1.81 19.65 21.95
C LEU A 61 -1.92 18.24 22.50
N ILE A 62 -1.41 17.25 21.79
CA ILE A 62 -1.37 15.89 22.31
C ILE A 62 -0.27 15.85 23.36
N ARG A 63 -0.48 15.08 24.43
CA ARG A 63 0.57 14.90 25.41
C ARG A 63 1.71 14.09 24.81
N LYS A 64 2.95 14.46 25.16
CA LYS A 64 4.10 14.04 24.37
C LYS A 64 4.44 12.56 24.58
N LEU A 65 4.30 12.07 25.79
CA LEU A 65 4.57 10.64 26.02
C LEU A 65 3.52 9.70 25.47
N PRO A 66 2.22 9.99 25.48
CA PRO A 66 1.30 9.10 24.74
C PRO A 66 1.56 9.06 23.25
N PHE A 67 1.94 10.19 22.67
CA PHE A 67 2.26 10.16 21.24
C PHE A 67 3.55 9.41 20.98
N GLN A 68 4.52 9.50 21.88
CA GLN A 68 5.74 8.74 21.69
C GLN A 68 5.48 7.26 21.82
N ARG A 69 4.60 6.86 22.72
CA ARG A 69 4.29 5.44 22.85
C ARG A 69 3.45 4.96 21.68
N LEU A 70 2.64 5.84 21.09
CA LEU A 70 1.87 5.45 19.91
C LEU A 70 2.77 5.29 18.69
N VAL A 71 3.76 6.18 18.56
CA VAL A 71 4.71 6.07 17.45
C VAL A 71 5.52 4.79 17.57
N ARG A 72 5.92 4.44 18.80
CA ARG A 72 6.65 3.18 18.96
C ARG A 72 5.75 1.98 18.72
N GLU A 73 4.47 2.08 19.10
CA GLU A 73 3.55 0.97 18.90
C GLU A 73 3.26 0.76 17.42
N ILE A 74 3.29 1.83 16.63
CA ILE A 74 3.05 1.67 15.19
C ILE A 74 4.33 1.22 14.49
N ALA A 75 5.47 1.69 14.97
CA ALA A 75 6.73 1.25 14.37
C ALA A 75 7.12 -0.15 14.80
N GLN A 76 6.40 -0.74 15.75
CA GLN A 76 6.62 -2.14 16.10
C GLN A 76 6.37 -3.09 14.94
N ASP A 77 5.48 -2.74 14.01
CA ASP A 77 5.10 -3.71 13.00
C ASP A 77 6.04 -3.76 11.82
N PHE A 78 6.89 -2.76 11.63
CA PHE A 78 7.69 -2.72 10.42
C PHE A 78 9.08 -3.27 10.66
N LYS A 79 9.80 -2.68 11.62
CA LYS A 79 11.05 -3.26 12.08
C LYS A 79 11.01 -3.23 13.59
N THR A 80 11.36 -4.34 14.23
CA THR A 80 11.34 -4.42 15.67
C THR A 80 12.63 -3.88 16.24
N ASP A 81 12.58 -3.48 17.51
CA ASP A 81 13.70 -2.87 18.25
C ASP A 81 14.21 -1.62 17.55
N LEU A 82 13.28 -0.75 17.13
CA LEU A 82 13.70 0.51 16.58
C LEU A 82 13.84 1.54 17.69
N ARG A 83 14.92 2.29 17.62
CA ARG A 83 15.10 3.43 18.49
C ARG A 83 14.62 4.66 17.75
N PHE A 84 14.22 5.68 18.48
CA PHE A 84 13.77 6.91 17.88
C PHE A 84 14.58 8.04 18.46
N GLN A 85 15.08 8.93 17.60
CA GLN A 85 15.60 10.17 18.12
C GLN A 85 14.46 10.96 18.73
N SER A 86 14.76 11.76 19.75
CA SER A 86 13.71 12.52 20.42
C SER A 86 13.11 13.55 19.49
N SER A 87 13.95 14.14 18.63
CA SER A 87 13.44 15.04 17.62
C SER A 87 12.68 14.32 16.54
N ALA A 88 12.82 13.01 16.40
CA ALA A 88 12.04 12.31 15.38
C ALA A 88 10.60 12.13 15.82
N VAL A 89 10.36 11.78 17.08
CA VAL A 89 8.96 11.73 17.51
C VAL A 89 8.43 13.13 17.72
N MET A 90 9.30 14.12 17.94
CA MET A 90 8.82 15.50 17.92
C MET A 90 8.37 15.92 16.52
N ALA A 91 9.10 15.48 15.49
CA ALA A 91 8.73 15.83 14.13
C ALA A 91 7.47 15.10 13.69
N LEU A 92 7.34 13.85 14.11
CA LEU A 92 6.11 13.12 13.87
C LEU A 92 4.93 13.78 14.56
N GLN A 93 5.16 14.38 15.73
CA GLN A 93 4.06 15.03 16.42
C GLN A 93 3.68 16.35 15.79
N GLU A 94 4.65 17.13 15.32
CA GLU A 94 4.32 18.37 14.63
C GLU A 94 3.57 18.09 13.33
N ALA A 95 3.99 17.05 12.61
CA ALA A 95 3.30 16.69 11.38
C ALA A 95 1.91 16.15 11.65
N SER A 96 1.73 15.36 12.71
CA SER A 96 0.42 14.77 12.96
C SER A 96 -0.56 15.79 13.49
N GLU A 97 -0.11 16.74 14.31
CA GLU A 97 -1.04 17.78 14.73
C GLU A 97 -1.34 18.73 13.58
N ALA A 98 -0.38 19.01 12.71
CA ALA A 98 -0.69 19.91 11.60
C ALA A 98 -1.63 19.25 10.61
N TYR A 99 -1.49 17.94 10.41
CA TYR A 99 -2.42 17.22 9.55
C TYR A 99 -3.80 17.15 10.17
N LEU A 100 -3.88 16.94 11.49
CA LEU A 100 -5.19 16.80 12.08
C LEU A 100 -5.92 18.14 12.19
N VAL A 101 -5.22 19.24 12.42
CA VAL A 101 -5.95 20.50 12.48
C VAL A 101 -6.27 21.01 11.08
N ALA A 102 -5.52 20.60 10.07
CA ALA A 102 -5.97 20.91 8.72
C ALA A 102 -7.17 20.09 8.33
N LEU A 103 -7.21 18.82 8.73
CA LEU A 103 -8.38 17.98 8.47
C LEU A 103 -9.60 18.49 9.23
N PHE A 104 -9.39 19.06 10.42
CA PHE A 104 -10.54 19.58 11.15
C PHE A 104 -11.00 20.91 10.60
N GLU A 105 -10.11 21.69 9.98
CA GLU A 105 -10.59 22.85 9.22
C GLU A 105 -11.45 22.42 8.04
N ASP A 106 -11.01 21.38 7.31
CA ASP A 106 -11.78 20.90 6.18
C ASP A 106 -13.10 20.26 6.62
N THR A 107 -13.09 19.58 7.76
CA THR A 107 -14.31 18.92 8.20
C THR A 107 -15.25 19.93 8.83
N ASN A 108 -14.72 21.07 9.29
CA ASN A 108 -15.60 22.11 9.78
C ASN A 108 -16.26 22.83 8.63
N LEU A 109 -15.55 23.02 7.52
CA LEU A 109 -16.18 23.56 6.33
C LEU A 109 -17.23 22.62 5.77
N CYS A 110 -17.02 21.31 5.88
CA CYS A 110 -18.05 20.38 5.41
C CYS A 110 -19.27 20.40 6.34
N ALA A 111 -19.05 20.46 7.65
CA ALA A 111 -20.17 20.46 8.58
C ALA A 111 -20.94 21.76 8.51
N ILE A 112 -20.26 22.87 8.23
CA ILE A 112 -20.95 24.13 8.00
C ILE A 112 -21.71 24.08 6.69
N HIS A 113 -21.16 23.35 5.72
CA HIS A 113 -21.83 23.22 4.43
C HIS A 113 -23.12 22.44 4.53
N ALA A 114 -23.21 21.49 5.44
CA ALA A 114 -24.45 20.75 5.59
C ALA A 114 -25.50 21.46 6.43
N LYS A 115 -25.35 22.77 6.62
CA LYS A 115 -26.18 23.61 7.49
C LYS A 115 -26.22 23.10 8.92
N ARG A 116 -25.12 22.52 9.37
CA ARG A 116 -24.94 22.12 10.76
C ARG A 116 -23.78 22.91 11.33
N VAL A 117 -23.49 22.68 12.61
CA VAL A 117 -22.28 23.23 13.21
C VAL A 117 -21.49 22.19 13.95
N THR A 118 -21.91 20.93 13.93
CA THR A 118 -21.20 19.87 14.63
C THR A 118 -20.53 18.96 13.62
N ILE A 119 -19.23 18.76 13.77
CA ILE A 119 -18.55 17.82 12.90
C ILE A 119 -18.90 16.40 13.33
N MET A 120 -18.98 15.50 12.37
CA MET A 120 -19.49 14.14 12.53
C MET A 120 -18.62 13.25 11.66
N PRO A 121 -18.68 11.92 11.83
CA PRO A 121 -17.83 11.06 10.99
C PRO A 121 -18.14 11.09 9.51
N LYS A 122 -19.37 11.43 9.14
CA LYS A 122 -19.68 11.67 7.74
C LYS A 122 -18.85 12.83 7.19
N ASP A 123 -18.63 13.85 8.01
CA ASP A 123 -17.89 15.02 7.58
C ASP A 123 -16.41 14.71 7.38
N ILE A 124 -15.81 13.98 8.32
CA ILE A 124 -14.40 13.63 8.21
C ILE A 124 -14.17 12.71 7.03
N GLN A 125 -15.07 11.75 6.82
CA GLN A 125 -14.93 10.85 5.69
C GLN A 125 -15.15 11.58 4.37
N LEU A 126 -15.98 12.61 4.37
CA LEU A 126 -16.16 13.38 3.15
C LEU A 126 -14.92 14.20 2.83
N ALA A 127 -14.32 14.84 3.83
CA ALA A 127 -13.11 15.62 3.57
C ALA A 127 -11.98 14.73 3.10
N ARG A 128 -11.88 13.53 3.66
CA ARG A 128 -10.82 12.64 3.19
C ARG A 128 -11.14 12.03 1.83
N ARG A 129 -12.41 11.88 1.48
CA ARG A 129 -12.75 11.33 0.18
C ARG A 129 -12.61 12.39 -0.91
N ILE A 130 -12.68 13.65 -0.53
CA ILE A 130 -12.51 14.72 -1.51
C ILE A 130 -11.03 15.00 -1.72
N ARG A 131 -10.24 15.00 -0.64
CA ARG A 131 -8.82 15.27 -0.80
C ARG A 131 -8.06 14.12 -1.42
N GLY A 132 -8.71 12.98 -1.63
CA GLY A 132 -8.09 11.88 -2.33
C GLY A 132 -7.31 10.95 -1.46
N GLU A 133 -7.88 10.51 -0.33
CA GLU A 133 -7.16 9.66 0.61
C GLU A 133 -7.94 8.41 1.01
N ARG A 134 -9.09 8.18 0.41
CA ARG A 134 -9.86 6.97 0.71
C ARG A 134 -10.46 6.40 -0.56
N HIS B 19 13.97 -7.45 29.56
CA HIS B 19 13.50 -8.64 28.87
C HIS B 19 12.85 -8.29 27.53
N ARG B 20 11.52 -8.26 27.52
CA ARG B 20 10.77 -7.94 26.30
C ARG B 20 9.41 -7.37 26.64
N LYS B 21 8.81 -6.64 25.69
CA LYS B 21 7.53 -5.99 25.91
C LYS B 21 6.88 -5.65 24.58
N VAL B 22 5.55 -5.50 24.62
CA VAL B 22 4.76 -5.07 23.48
C VAL B 22 3.50 -4.41 24.03
N LEU B 23 3.12 -3.29 23.42
CA LEU B 23 2.02 -2.47 23.91
C LEU B 23 0.74 -2.93 23.22
N ARG B 24 -0.25 -3.33 24.03
CA ARG B 24 -1.40 -4.07 23.53
C ARG B 24 -2.30 -3.20 22.67
N ASP B 25 -2.88 -2.16 23.24
CA ASP B 25 -3.72 -1.24 22.49
C ASP B 25 -3.46 0.18 22.99
N ASN B 26 -2.50 0.82 22.34
CA ASN B 26 -2.06 2.12 22.79
C ASN B 26 -2.32 3.12 21.68
N ILE B 27 -3.57 3.56 21.61
CA ILE B 27 -4.02 4.56 20.66
C ILE B 27 -4.92 5.45 21.50
N GLN B 28 -5.31 4.94 22.66
CA GLN B 28 -6.11 5.71 23.60
C GLN B 28 -5.29 6.75 24.34
N GLY B 29 -3.99 6.83 24.10
CA GLY B 29 -3.23 7.98 24.53
C GLY B 29 -3.55 9.25 23.80
N ILE B 30 -4.12 9.15 22.61
CA ILE B 30 -4.71 10.30 21.94
C ILE B 30 -6.09 10.44 22.54
N THR B 31 -6.17 11.10 23.69
CA THR B 31 -7.37 11.06 24.49
C THR B 31 -8.47 11.91 23.89
N LYS B 32 -9.63 11.85 24.50
CA LYS B 32 -10.74 12.70 24.06
C LYS B 32 -10.49 14.19 24.25
N PRO B 33 -9.87 14.68 25.34
CA PRO B 33 -9.51 16.10 25.33
C PRO B 33 -8.41 16.46 24.35
N ALA B 34 -7.60 15.51 23.92
CA ALA B 34 -6.56 15.85 22.94
C ALA B 34 -7.17 16.07 21.57
N ILE B 35 -8.06 15.18 21.15
CA ILE B 35 -8.76 15.36 19.88
C ILE B 35 -9.68 16.56 19.96
N ARG B 36 -10.21 16.83 21.15
CA ARG B 36 -11.02 18.03 21.32
C ARG B 36 -10.17 19.30 21.18
N ARG B 37 -8.96 19.30 21.73
CA ARG B 37 -8.11 20.47 21.62
C ARG B 37 -7.64 20.69 20.20
N LEU B 38 -7.29 19.60 19.51
CA LEU B 38 -6.91 19.68 18.10
C LEU B 38 -8.04 20.21 17.26
N ALA B 39 -9.26 19.79 17.54
CA ALA B 39 -10.40 20.24 16.77
C ALA B 39 -10.74 21.68 17.08
N ARG B 40 -10.49 22.11 18.33
CA ARG B 40 -10.70 23.51 18.66
C ARG B 40 -9.65 24.39 18.01
N ARG B 41 -8.48 23.83 17.74
CA ARG B 41 -7.49 24.60 17.00
C ARG B 41 -7.93 24.83 15.58
N GLY B 42 -8.50 23.83 14.94
CA GLY B 42 -8.97 24.02 13.59
C GLY B 42 -10.20 24.87 13.50
N GLY B 43 -10.88 25.08 14.60
CA GLY B 43 -12.00 25.99 14.61
C GLY B 43 -13.33 25.31 14.42
N VAL B 44 -13.59 24.21 15.11
CA VAL B 44 -14.91 23.63 15.13
C VAL B 44 -15.56 24.10 16.43
N LYS B 45 -16.88 24.25 16.42
CA LYS B 45 -17.51 24.81 17.60
C LYS B 45 -18.06 23.73 18.50
N ARG B 46 -18.47 22.62 17.92
CA ARG B 46 -19.12 21.55 18.66
C ARG B 46 -18.78 20.23 17.99
N ILE B 47 -18.40 19.23 18.79
CA ILE B 47 -17.83 17.99 18.27
C ILE B 47 -18.73 16.84 18.68
N SER B 48 -19.24 16.11 17.70
CA SER B 48 -20.05 14.95 18.01
C SER B 48 -19.23 13.86 18.67
N GLY B 49 -19.91 12.97 19.38
CA GLY B 49 -19.20 12.00 20.20
C GLY B 49 -18.61 10.86 19.41
N LEU B 50 -19.04 10.69 18.16
CA LEU B 50 -18.47 9.65 17.32
C LEU B 50 -17.27 10.13 16.53
N ILE B 51 -16.86 11.39 16.73
CA ILE B 51 -15.67 11.91 16.06
C ILE B 51 -14.43 11.17 16.54
N TYR B 52 -14.35 10.90 17.84
CA TYR B 52 -13.10 10.53 18.49
C TYR B 52 -12.57 9.20 18.02
N GLU B 53 -13.45 8.22 17.79
CA GLU B 53 -12.99 6.97 17.21
C GLU B 53 -12.51 7.16 15.78
N GLU B 54 -13.19 8.03 15.03
CA GLU B 54 -12.80 8.25 13.64
C GLU B 54 -11.48 9.01 13.56
N THR B 55 -11.24 9.94 14.47
CA THR B 55 -9.99 10.68 14.45
C THR B 55 -8.84 9.84 14.96
N ARG B 56 -9.11 8.92 15.88
CA ARG B 56 -8.05 7.98 16.26
C ARG B 56 -7.71 7.06 15.10
N GLY B 57 -8.70 6.66 14.31
CA GLY B 57 -8.41 5.86 13.13
C GLY B 57 -7.65 6.62 12.05
N VAL B 58 -8.01 7.89 11.83
CA VAL B 58 -7.33 8.72 10.84
C VAL B 58 -5.89 8.98 11.26
N LEU B 59 -5.67 9.26 12.53
CA LEU B 59 -4.31 9.49 13.02
C LEU B 59 -3.49 8.22 12.97
N LYS B 60 -4.13 7.06 13.18
CA LYS B 60 -3.40 5.81 13.09
C LYS B 60 -3.00 5.52 11.65
N VAL B 61 -3.85 5.86 10.68
CA VAL B 61 -3.49 5.61 9.28
C VAL B 61 -2.40 6.58 8.83
N PHE B 62 -2.47 7.84 9.26
CA PHE B 62 -1.47 8.81 8.86
C PHE B 62 -0.11 8.48 9.46
N LEU B 63 -0.09 8.11 10.74
CA LEU B 63 1.17 7.72 11.36
C LEU B 63 1.68 6.43 10.78
N GLU B 64 0.79 5.54 10.35
CA GLU B 64 1.25 4.30 9.74
C GLU B 64 1.93 4.57 8.41
N ASN B 65 1.42 5.53 7.65
CA ASN B 65 2.04 5.86 6.37
C ASN B 65 3.37 6.56 6.55
N VAL B 66 3.42 7.57 7.41
CA VAL B 66 4.66 8.33 7.60
C VAL B 66 5.72 7.46 8.25
N ILE B 67 5.34 6.62 9.20
CA ILE B 67 6.31 5.78 9.88
C ILE B 67 6.75 4.65 8.96
N ARG B 68 5.88 4.18 8.07
CA ARG B 68 6.29 3.15 7.12
C ARG B 68 7.34 3.67 6.15
N ASP B 69 7.14 4.89 5.64
CA ASP B 69 8.15 5.46 4.77
C ASP B 69 9.41 5.85 5.54
N ALA B 70 9.27 6.27 6.80
CA ALA B 70 10.46 6.65 7.58
C ALA B 70 11.30 5.44 7.94
N VAL B 71 10.64 4.35 8.32
CA VAL B 71 11.35 3.13 8.66
C VAL B 71 11.96 2.51 7.42
N THR B 72 11.35 2.70 6.25
CA THR B 72 12.01 2.25 5.03
C THR B 72 13.23 3.10 4.70
N TYR B 73 13.16 4.41 4.93
CA TYR B 73 14.31 5.28 4.70
C TYR B 73 15.43 4.97 5.67
N THR B 74 15.09 4.53 6.87
CA THR B 74 16.10 4.18 7.86
C THR B 74 16.72 2.83 7.53
N GLU B 75 15.89 1.80 7.37
CA GLU B 75 16.33 0.44 7.15
C GLU B 75 17.09 0.30 5.83
N HIS B 76 16.90 1.25 4.92
CA HIS B 76 17.82 1.35 3.79
C HIS B 76 19.22 1.73 4.23
N ALA B 77 19.35 2.62 5.19
CA ALA B 77 20.66 3.18 5.48
C ALA B 77 21.48 2.32 6.42
N LYS B 78 21.03 1.09 6.72
CA LYS B 78 21.57 0.23 7.75
C LYS B 78 21.66 0.97 9.08
N ARG B 79 20.51 1.36 9.59
CA ARG B 79 20.42 2.01 10.89
C ARG B 79 19.33 1.35 11.70
N LYS B 80 19.35 1.59 12.99
CA LYS B 80 18.30 1.11 13.87
C LYS B 80 17.64 2.25 14.62
N THR B 81 18.00 3.49 14.34
CA THR B 81 17.38 4.65 14.97
C THR B 81 16.71 5.47 13.88
N VAL B 82 15.39 5.58 13.96
CA VAL B 82 14.65 6.45 13.06
C VAL B 82 15.05 7.89 13.33
N THR B 83 15.71 8.51 12.37
CA THR B 83 16.26 9.84 12.55
C THR B 83 15.13 10.85 12.44
N ALA B 84 15.39 12.10 12.77
CA ALA B 84 14.41 13.13 12.46
C ALA B 84 14.47 13.49 10.99
N MET B 85 15.64 13.32 10.38
CA MET B 85 15.74 13.49 8.94
C MET B 85 14.95 12.44 8.20
N ASP B 86 14.81 11.24 8.76
CA ASP B 86 14.07 10.20 8.07
C ASP B 86 12.59 10.50 8.09
N VAL B 87 12.09 11.06 9.19
CA VAL B 87 10.69 11.45 9.23
C VAL B 87 10.44 12.66 8.35
N VAL B 88 11.42 13.58 8.26
CA VAL B 88 11.25 14.75 7.39
C VAL B 88 11.25 14.33 5.93
N TYR B 89 12.05 13.33 5.57
CA TYR B 89 12.03 12.83 4.21
C TYR B 89 10.78 12.00 3.94
N ALA B 90 10.26 11.34 4.95
CA ALA B 90 9.05 10.55 4.75
C ALA B 90 7.84 11.45 4.60
N LEU B 91 7.91 12.64 5.18
CA LEU B 91 6.83 13.59 4.98
C LEU B 91 7.00 14.35 3.68
N LYS B 92 8.24 14.63 3.27
CA LYS B 92 8.47 15.28 2.00
C LYS B 92 8.12 14.35 0.85
N ARG B 93 8.15 13.05 1.10
CA ARG B 93 7.76 12.10 0.07
C ARG B 93 6.27 12.16 -0.20
N GLN B 94 5.45 12.24 0.85
CA GLN B 94 4.01 12.25 0.63
C GLN B 94 3.46 13.63 0.29
N GLY B 95 4.30 14.63 0.08
CA GLY B 95 3.78 15.96 -0.15
C GLY B 95 3.24 16.64 1.07
N ARG B 96 3.90 16.47 2.23
CA ARG B 96 3.59 17.20 3.45
C ARG B 96 4.83 17.77 4.10
N THR B 97 5.64 18.51 3.34
CA THR B 97 6.97 19.02 3.72
C THR B 97 6.97 19.64 5.11
N LEU B 98 7.98 19.33 5.90
CA LEU B 98 8.01 19.76 7.29
C LEU B 98 9.27 20.57 7.52
N TYR B 99 9.09 21.84 7.90
CA TYR B 99 10.21 22.70 8.19
C TYR B 99 10.47 22.72 9.68
N GLY B 100 11.73 22.58 10.05
CA GLY B 100 12.14 22.74 11.42
C GLY B 100 13.11 21.71 11.90
N PHE B 101 13.33 20.65 11.14
CA PHE B 101 14.17 19.57 11.62
C PHE B 101 15.28 19.23 10.64
N GLY B 102 15.36 19.91 9.52
CA GLY B 102 16.42 19.68 8.57
C GLY B 102 15.91 19.20 7.23
N ALA C 13 33.28 -12.99 -29.34
CA ALA C 13 32.36 -13.46 -28.30
C ALA C 13 30.92 -13.46 -28.80
N LYS C 14 30.21 -14.54 -28.52
CA LYS C 14 28.81 -14.64 -28.92
C LYS C 14 27.95 -13.70 -28.08
N ALA C 15 27.42 -12.68 -28.73
CA ALA C 15 26.77 -11.56 -28.03
C ALA C 15 25.42 -11.98 -27.48
N LYS C 16 25.35 -12.12 -26.16
CA LYS C 16 24.12 -12.45 -25.45
C LYS C 16 23.65 -11.19 -24.75
N THR C 17 22.45 -10.72 -25.09
CA THR C 17 21.95 -9.45 -24.58
C THR C 17 21.71 -9.54 -23.08
N ARG C 18 21.95 -8.42 -22.40
CA ARG C 18 21.90 -8.39 -20.95
C ARG C 18 20.48 -8.52 -20.42
N SER C 19 19.48 -8.28 -21.27
CA SER C 19 18.12 -8.58 -20.86
C SER C 19 17.86 -10.07 -20.96
N SER C 20 18.61 -10.78 -21.80
CA SER C 20 18.37 -12.20 -21.97
C SER C 20 19.09 -13.01 -20.92
N ARG C 21 20.12 -12.45 -20.30
CA ARG C 21 20.72 -13.12 -19.15
C ARG C 21 19.77 -13.15 -17.99
N ALA C 22 19.06 -12.06 -17.76
CA ALA C 22 18.12 -11.97 -16.65
C ALA C 22 16.78 -12.60 -16.98
N GLY C 23 16.51 -12.86 -18.25
CA GLY C 23 15.24 -13.44 -18.61
C GLY C 23 14.10 -12.47 -18.51
N LEU C 24 14.40 -11.18 -18.58
CA LEU C 24 13.39 -10.14 -18.63
C LEU C 24 13.04 -9.90 -20.08
N GLN C 25 11.89 -9.28 -20.31
CA GLN C 25 11.58 -8.85 -21.65
C GLN C 25 11.88 -7.38 -21.85
N PHE C 26 11.80 -6.58 -20.80
CA PHE C 26 12.23 -5.20 -20.90
C PHE C 26 13.74 -5.16 -21.06
N PRO C 27 14.27 -4.16 -21.75
CA PRO C 27 15.72 -4.12 -21.95
C PRO C 27 16.38 -3.66 -20.69
N VAL C 28 17.58 -4.16 -20.36
CA VAL C 28 18.30 -3.53 -19.27
C VAL C 28 19.43 -2.69 -19.85
N GLY C 29 19.69 -2.85 -21.14
CA GLY C 29 20.62 -1.95 -21.79
C GLY C 29 20.06 -0.55 -21.90
N ARG C 30 18.82 -0.43 -22.34
CA ARG C 30 18.21 0.88 -22.49
C ARG C 30 17.92 1.50 -21.13
N VAL C 31 17.55 0.68 -20.16
CA VAL C 31 17.35 1.18 -18.81
C VAL C 31 18.66 1.66 -18.21
N HIS C 32 19.76 0.96 -18.54
CA HIS C 32 21.06 1.41 -18.05
C HIS C 32 21.49 2.70 -18.72
N ARG C 33 21.19 2.86 -20.00
CA ARG C 33 21.55 4.10 -20.69
C ARG C 33 20.73 5.26 -20.18
N LEU C 34 19.47 5.03 -19.84
CA LEU C 34 18.66 6.12 -19.32
C LEU C 34 19.08 6.48 -17.90
N LEU C 35 19.48 5.49 -17.11
CA LEU C 35 19.96 5.77 -15.75
C LEU C 35 21.28 6.51 -15.79
N ARG C 36 22.11 6.27 -16.79
CA ARG C 36 23.36 7.02 -16.86
C ARG C 36 23.13 8.42 -17.42
N LYS C 37 22.47 8.52 -18.56
CA LYS C 37 22.31 9.79 -19.23
C LYS C 37 21.07 10.55 -18.77
N GLY C 38 20.55 10.25 -17.60
CA GLY C 38 19.54 11.08 -16.98
C GLY C 38 20.03 11.87 -15.79
N ASN C 39 21.25 11.60 -15.33
CA ASN C 39 21.85 12.21 -14.14
C ASN C 39 20.99 11.99 -12.90
N TYR C 40 20.86 10.73 -12.49
CA TYR C 40 20.27 10.45 -11.20
C TYR C 40 21.34 10.37 -10.13
N ALA C 41 22.41 9.65 -10.37
CA ALA C 41 23.58 9.84 -9.54
C ALA C 41 24.79 9.75 -10.45
N GLU C 42 25.96 9.87 -9.84
CA GLU C 42 27.17 9.94 -10.64
C GLU C 42 27.54 8.59 -11.22
N ARG C 43 27.45 7.55 -10.41
CA ARG C 43 27.76 6.20 -10.86
C ARG C 43 26.51 5.37 -10.77
N VAL C 44 26.33 4.43 -11.68
CA VAL C 44 25.16 3.57 -11.69
C VAL C 44 25.62 2.14 -11.58
N GLY C 45 25.31 1.49 -10.47
CA GLY C 45 25.75 0.13 -10.26
C GLY C 45 25.09 -0.83 -11.23
N ALA C 46 25.82 -1.88 -11.57
CA ALA C 46 25.41 -2.76 -12.65
C ALA C 46 24.23 -3.63 -12.25
N GLY C 47 23.97 -3.78 -10.97
CA GLY C 47 22.82 -4.56 -10.55
C GLY C 47 21.54 -3.77 -10.52
N ALA C 48 21.62 -2.47 -10.73
CA ALA C 48 20.42 -1.62 -10.69
C ALA C 48 19.57 -1.62 -11.95
N PRO C 49 20.10 -1.54 -13.18
CA PRO C 49 19.18 -1.54 -14.31
C PRO C 49 18.48 -2.85 -14.54
N VAL C 50 19.05 -3.97 -14.16
CA VAL C 50 18.34 -5.24 -14.25
C VAL C 50 17.19 -5.29 -13.25
N TYR C 51 17.41 -4.75 -12.06
CA TYR C 51 16.36 -4.69 -11.04
C TYR C 51 15.24 -3.77 -11.49
N LEU C 52 15.61 -2.61 -12.02
CA LEU C 52 14.63 -1.62 -12.43
C LEU C 52 13.85 -2.10 -13.64
N ALA C 53 14.51 -2.80 -14.56
CA ALA C 53 13.78 -3.31 -15.70
C ALA C 53 12.90 -4.47 -15.33
N ALA C 54 13.26 -5.23 -14.30
CA ALA C 54 12.35 -6.23 -13.80
C ALA C 54 11.12 -5.60 -13.18
N VAL C 55 11.29 -4.48 -12.46
CA VAL C 55 10.14 -3.85 -11.83
C VAL C 55 9.23 -3.21 -12.88
N LEU C 56 9.82 -2.56 -13.89
CA LEU C 56 9.02 -2.00 -14.97
C LEU C 56 8.30 -3.08 -15.75
N GLU C 57 8.97 -4.21 -16.01
CA GLU C 57 8.35 -5.29 -16.76
C GLU C 57 7.25 -5.95 -15.95
N TYR C 58 7.41 -5.99 -14.63
CA TYR C 58 6.34 -6.53 -13.79
C TYR C 58 5.13 -5.62 -13.79
N LEU C 59 5.34 -4.31 -13.68
CA LEU C 59 4.20 -3.41 -13.63
C LEU C 59 3.49 -3.34 -14.97
N THR C 60 4.25 -3.45 -16.06
CA THR C 60 3.63 -3.56 -17.37
C THR C 60 2.88 -4.88 -17.51
N ALA C 61 3.38 -5.95 -16.90
CA ALA C 61 2.67 -7.22 -16.96
C ALA C 61 1.37 -7.15 -16.19
N GLU C 62 1.35 -6.47 -15.05
CA GLU C 62 0.13 -6.43 -14.26
C GLU C 62 -0.92 -5.54 -14.91
N ILE C 63 -0.52 -4.38 -15.44
CA ILE C 63 -1.49 -3.52 -16.09
C ILE C 63 -1.97 -4.14 -17.40
N LEU C 64 -1.10 -4.87 -18.08
CA LEU C 64 -1.55 -5.51 -19.32
C LEU C 64 -2.44 -6.71 -19.05
N GLU C 65 -2.21 -7.42 -17.94
CA GLU C 65 -3.07 -8.54 -17.60
C GLU C 65 -4.46 -8.06 -17.21
N LEU C 66 -4.54 -7.01 -16.39
CA LEU C 66 -5.85 -6.49 -16.02
C LEU C 66 -6.52 -5.80 -17.19
N ALA C 67 -5.73 -5.24 -18.11
CA ALA C 67 -6.31 -4.59 -19.28
C ALA C 67 -6.85 -5.62 -20.25
N GLY C 68 -6.14 -6.73 -20.43
CA GLY C 68 -6.65 -7.79 -21.27
C GLY C 68 -7.89 -8.44 -20.71
N ASN C 69 -7.95 -8.60 -19.38
CA ASN C 69 -9.19 -9.08 -18.76
C ASN C 69 -10.34 -8.11 -18.96
N ALA C 70 -10.08 -6.81 -18.84
CA ALA C 70 -11.16 -5.86 -19.01
C ALA C 70 -11.55 -5.69 -20.47
N ALA C 71 -10.65 -6.07 -21.39
CA ALA C 71 -11.00 -5.99 -22.80
C ALA C 71 -11.74 -7.24 -23.24
N ARG C 72 -11.36 -8.38 -22.70
CA ARG C 72 -12.04 -9.62 -23.06
C ARG C 72 -13.40 -9.71 -22.39
N ASP C 73 -13.56 -9.04 -21.24
CA ASP C 73 -14.90 -8.90 -20.66
C ASP C 73 -15.79 -8.00 -21.49
N ASN C 74 -15.21 -7.10 -22.27
CA ASN C 74 -15.96 -6.26 -23.18
C ASN C 74 -16.03 -6.83 -24.58
N LYS C 75 -15.67 -8.12 -24.74
CA LYS C 75 -15.80 -8.88 -25.98
C LYS C 75 -15.01 -8.27 -27.13
N LYS C 76 -13.90 -7.60 -26.80
CA LYS C 76 -12.98 -7.06 -27.78
C LYS C 76 -11.64 -7.75 -27.62
N THR C 77 -10.93 -7.92 -28.72
CA THR C 77 -9.61 -8.53 -28.65
C THR C 77 -8.49 -7.53 -28.82
N ARG C 78 -8.74 -6.26 -28.51
CA ARG C 78 -7.75 -5.21 -28.69
C ARG C 78 -7.83 -4.24 -27.53
N ILE C 79 -6.69 -3.94 -26.92
CA ILE C 79 -6.68 -3.06 -25.77
C ILE C 79 -6.82 -1.62 -26.22
N ILE C 80 -7.96 -1.01 -25.87
CA ILE C 80 -8.31 0.37 -26.17
C ILE C 80 -7.92 1.10 -24.90
N PRO C 81 -7.66 2.41 -24.91
CA PRO C 81 -7.41 3.13 -23.65
C PRO C 81 -8.47 2.98 -22.59
N ARG C 82 -9.72 2.80 -22.98
CA ARG C 82 -10.80 2.59 -22.02
C ARG C 82 -10.58 1.32 -21.22
N HIS C 83 -10.00 0.30 -21.84
CA HIS C 83 -9.68 -0.91 -21.10
C HIS C 83 -8.54 -0.67 -20.12
N LEU C 84 -7.65 0.26 -20.43
CA LEU C 84 -6.58 0.58 -19.50
C LEU C 84 -7.12 1.33 -18.28
N GLN C 85 -8.06 2.25 -18.51
CA GLN C 85 -8.67 2.95 -17.38
C GLN C 85 -9.52 2.00 -16.56
N LEU C 86 -10.19 1.05 -17.23
CA LEU C 86 -10.99 0.07 -16.50
C LEU C 86 -10.09 -0.92 -15.76
N ALA C 87 -8.84 -1.03 -16.19
CA ALA C 87 -7.92 -1.87 -15.44
C ALA C 87 -7.38 -1.15 -14.21
N VAL C 88 -6.88 0.06 -14.37
CA VAL C 88 -6.12 0.67 -13.29
C VAL C 88 -7.03 1.42 -12.32
N ARG C 89 -8.28 1.65 -12.68
CA ARG C 89 -9.15 2.24 -11.68
C ARG C 89 -9.93 1.21 -10.89
N ASN C 90 -9.93 -0.05 -11.31
CA ASN C 90 -10.60 -1.09 -10.55
C ASN C 90 -9.71 -1.74 -9.51
N ASP C 91 -8.46 -2.05 -9.84
CA ASP C 91 -7.52 -2.60 -8.88
C ASP C 91 -7.12 -1.47 -7.96
N GLU C 92 -7.31 -1.66 -6.65
CA GLU C 92 -7.16 -0.54 -5.73
C GLU C 92 -5.70 -0.16 -5.53
N GLU C 93 -4.79 -1.09 -5.75
CA GLU C 93 -3.38 -0.75 -5.59
C GLU C 93 -2.82 -0.04 -6.81
N LEU C 94 -3.22 -0.44 -8.00
CA LEU C 94 -2.87 0.34 -9.17
C LEU C 94 -3.59 1.67 -9.17
N ASN C 95 -4.76 1.75 -8.54
CA ASN C 95 -5.44 3.02 -8.38
C ASN C 95 -4.73 3.90 -7.39
N LYS C 96 -4.00 3.32 -6.43
CA LYS C 96 -3.25 4.16 -5.53
C LYS C 96 -1.93 4.61 -6.16
N LEU C 97 -1.31 3.76 -6.98
CA LEU C 97 -0.08 4.18 -7.65
C LEU C 97 -0.36 5.17 -8.76
N LEU C 98 -1.41 4.93 -9.54
CA LEU C 98 -1.81 5.81 -10.62
C LEU C 98 -2.91 6.75 -10.20
N GLY C 99 -2.86 7.26 -8.98
CA GLY C 99 -3.96 8.08 -8.49
C GLY C 99 -4.04 9.43 -9.15
N ARG C 100 -2.91 10.06 -9.39
CA ARG C 100 -2.89 11.42 -9.87
C ARG C 100 -3.11 11.52 -11.36
N VAL C 101 -3.12 10.43 -12.07
CA VAL C 101 -2.90 10.47 -13.51
C VAL C 101 -4.23 10.45 -14.25
N THR C 102 -4.24 11.10 -15.40
CA THR C 102 -5.35 11.06 -16.33
C THR C 102 -4.92 10.24 -17.53
N ILE C 103 -5.61 9.13 -17.78
CA ILE C 103 -5.34 8.33 -18.97
C ILE C 103 -6.24 8.86 -20.07
N ALA C 104 -5.62 9.30 -21.17
CA ALA C 104 -6.38 9.98 -22.21
C ALA C 104 -7.24 9.01 -22.98
N GLN C 105 -8.40 9.49 -23.45
CA GLN C 105 -9.51 8.68 -23.93
C GLN C 105 -9.86 7.58 -22.96
N GLY C 106 -9.94 7.90 -21.68
CA GLY C 106 -10.01 6.89 -20.67
C GLY C 106 -11.40 6.63 -20.15
N GLY C 107 -12.21 7.68 -20.05
CA GLY C 107 -13.51 7.39 -19.51
C GLY C 107 -13.45 7.30 -18.00
N VAL C 108 -14.58 6.95 -17.41
CA VAL C 108 -14.74 6.88 -15.97
C VAL C 108 -15.30 5.49 -15.66
N LEU C 109 -14.94 4.95 -14.49
CA LEU C 109 -15.67 3.82 -13.95
C LEU C 109 -17.14 4.16 -13.76
N PRO C 110 -18.04 3.32 -14.24
CA PRO C 110 -19.47 3.54 -13.97
C PRO C 110 -19.78 3.24 -12.51
N ASN C 111 -19.94 4.29 -11.73
CA ASN C 111 -20.40 4.20 -10.35
C ASN C 111 -21.25 5.42 -10.08
N ILE C 112 -22.56 5.22 -9.93
CA ILE C 112 -23.45 6.32 -9.57
C ILE C 112 -23.82 6.13 -8.11
N GLN C 113 -24.01 7.24 -7.41
CA GLN C 113 -24.32 7.16 -5.98
C GLN C 113 -25.73 6.64 -5.79
N SER C 114 -25.91 5.80 -4.75
CA SER C 114 -27.16 5.09 -4.58
C SER C 114 -28.29 6.00 -4.09
N VAL C 115 -27.97 7.25 -3.75
CA VAL C 115 -29.00 8.24 -3.49
C VAL C 115 -29.79 8.57 -4.76
N LEU C 116 -29.15 8.55 -5.92
CA LEU C 116 -29.81 9.04 -7.12
C LEU C 116 -30.78 8.04 -7.73
N LEU C 117 -30.59 6.73 -7.50
CA LEU C 117 -31.58 5.81 -8.02
C LEU C 117 -32.84 5.81 -7.16
N PRO C 118 -34.00 5.98 -7.79
CA PRO C 118 -35.24 6.16 -7.02
C PRO C 118 -35.70 4.85 -6.42
N LYS C 119 -36.37 4.96 -5.27
CA LYS C 119 -36.91 3.80 -4.58
C LYS C 119 -38.09 3.20 -5.32
N THR D 30 14.72 10.65 -37.57
CA THR D 30 15.39 10.60 -36.27
C THR D 30 14.80 9.50 -35.40
N ARG D 31 15.66 8.68 -34.82
CA ARG D 31 15.20 7.58 -33.99
C ARG D 31 14.66 8.10 -32.67
N LYS D 32 13.34 8.24 -32.58
CA LYS D 32 12.66 8.50 -31.33
C LYS D 32 12.37 7.14 -30.71
N GLU D 33 13.21 6.75 -29.75
CA GLU D 33 13.09 5.45 -29.15
C GLU D 33 11.86 5.38 -28.25
N SER D 34 11.41 4.16 -27.99
CA SER D 34 10.18 3.95 -27.25
C SER D 34 10.21 2.58 -26.63
N TYR D 35 9.27 2.36 -25.74
CA TYR D 35 9.05 1.03 -25.19
C TYR D 35 7.92 0.32 -25.89
N ALA D 36 7.77 0.53 -27.19
CA ALA D 36 6.68 -0.11 -27.93
C ALA D 36 6.84 -1.61 -27.95
N ILE D 37 7.98 -2.09 -28.43
CA ILE D 37 8.13 -3.52 -28.68
C ILE D 37 8.23 -4.30 -27.38
N TYR D 38 8.65 -3.66 -26.29
CA TYR D 38 8.82 -4.40 -25.06
C TYR D 38 7.49 -4.59 -24.36
N VAL D 39 6.66 -3.55 -24.35
CA VAL D 39 5.31 -3.68 -23.85
C VAL D 39 4.53 -4.67 -24.71
N TYR D 40 4.82 -4.68 -26.02
CA TYR D 40 4.21 -5.68 -26.89
C TYR D 40 4.63 -7.09 -26.55
N LYS D 41 5.90 -7.31 -26.22
CA LYS D 41 6.34 -8.65 -25.87
C LYS D 41 5.74 -9.10 -24.55
N VAL D 42 5.60 -8.19 -23.59
CA VAL D 42 4.98 -8.58 -22.33
C VAL D 42 3.48 -8.81 -22.51
N LEU D 43 2.88 -8.14 -23.49
CA LEU D 43 1.49 -8.43 -23.81
C LEU D 43 1.34 -9.79 -24.46
N LYS D 44 2.20 -10.12 -25.42
CA LYS D 44 2.13 -11.42 -26.07
C LYS D 44 2.58 -12.55 -25.15
N GLN D 45 3.23 -12.24 -24.03
CA GLN D 45 3.42 -13.26 -23.01
C GLN D 45 2.18 -13.41 -22.15
N VAL D 46 1.64 -12.31 -21.64
CA VAL D 46 0.62 -12.42 -20.60
C VAL D 46 -0.76 -12.60 -21.24
N HIS D 47 -0.87 -12.43 -22.54
CA HIS D 47 -2.13 -12.57 -23.26
C HIS D 47 -1.82 -12.93 -24.70
N PRO D 48 -1.84 -14.22 -25.04
CA PRO D 48 -1.31 -14.63 -26.35
C PRO D 48 -2.20 -14.26 -27.52
N ASP D 49 -3.45 -13.88 -27.26
CA ASP D 49 -4.37 -13.47 -28.30
C ASP D 49 -4.33 -11.98 -28.58
N THR D 50 -4.48 -11.14 -27.56
CA THR D 50 -4.90 -9.76 -27.74
C THR D 50 -3.77 -8.91 -28.27
N GLY D 51 -4.13 -7.77 -28.84
CA GLY D 51 -3.17 -6.76 -29.25
C GLY D 51 -3.56 -5.41 -28.68
N ILE D 52 -2.78 -4.41 -29.01
CA ILE D 52 -2.89 -3.14 -28.31
C ILE D 52 -2.90 -2.00 -29.32
N SER D 53 -3.92 -1.16 -29.24
CA SER D 53 -4.06 -0.07 -30.19
C SER D 53 -3.02 1.00 -29.91
N SER D 54 -2.83 1.89 -30.90
CA SER D 54 -1.71 2.81 -30.86
C SER D 54 -1.86 3.86 -29.76
N LYS D 55 -3.10 4.25 -29.45
CA LYS D 55 -3.30 5.15 -28.33
C LYS D 55 -2.99 4.45 -27.02
N ALA D 56 -3.40 3.19 -26.87
CA ALA D 56 -3.06 2.46 -25.67
C ALA D 56 -1.60 2.04 -25.68
N MET D 57 -1.02 1.95 -26.87
CA MET D 57 0.42 1.73 -26.97
C MET D 57 1.19 2.90 -26.41
N SER D 58 0.79 4.12 -26.76
CA SER D 58 1.52 5.27 -26.25
C SER D 58 1.15 5.56 -24.80
N ILE D 59 -0.01 5.09 -24.35
CA ILE D 59 -0.31 5.19 -22.92
C ILE D 59 0.62 4.28 -22.13
N MET D 60 0.85 3.05 -22.57
CA MET D 60 1.76 2.21 -21.81
C MET D 60 3.21 2.65 -21.97
N ASN D 61 3.53 3.26 -23.11
CA ASN D 61 4.82 3.94 -23.27
C ASN D 61 5.00 5.02 -22.22
N SER D 62 3.99 5.88 -22.05
CA SER D 62 4.14 6.96 -21.11
C SER D 62 4.08 6.46 -19.68
N PHE D 63 3.41 5.34 -19.46
CA PHE D 63 3.38 4.76 -18.12
C PHE D 63 4.73 4.19 -17.73
N VAL D 64 5.37 3.47 -18.64
CA VAL D 64 6.68 2.91 -18.36
C VAL D 64 7.69 4.04 -18.14
N ASN D 65 7.58 5.10 -18.94
CA ASN D 65 8.44 6.27 -18.72
C ASN D 65 8.16 6.93 -17.38
N ASP D 66 6.91 6.90 -16.93
CA ASP D 66 6.58 7.59 -15.69
C ASP D 66 7.00 6.79 -14.47
N VAL D 67 6.82 5.47 -14.50
CA VAL D 67 7.28 4.67 -13.37
C VAL D 67 8.80 4.62 -13.35
N PHE D 68 9.43 4.70 -14.53
CA PHE D 68 10.88 4.81 -14.57
C PHE D 68 11.36 6.11 -13.94
N GLU D 69 10.70 7.23 -14.26
CA GLU D 69 11.15 8.49 -13.68
C GLU D 69 10.85 8.57 -12.19
N ARG D 70 9.78 7.92 -11.73
CA ARG D 70 9.50 7.89 -10.30
C ARG D 70 10.54 7.08 -9.54
N ILE D 71 10.85 5.88 -10.02
CA ILE D 71 11.78 5.01 -9.30
C ILE D 71 13.20 5.52 -9.41
N ALA D 72 13.57 6.10 -10.55
CA ALA D 72 14.90 6.68 -10.66
C ALA D 72 15.01 7.97 -9.87
N GLY D 73 13.92 8.72 -9.74
CA GLY D 73 13.98 9.91 -8.91
C GLY D 73 14.11 9.57 -7.45
N GLU D 74 13.38 8.55 -6.99
CA GLU D 74 13.50 8.14 -5.60
C GLU D 74 14.83 7.47 -5.34
N ALA D 75 15.41 6.81 -6.34
CA ALA D 75 16.73 6.23 -6.14
C ALA D 75 17.80 7.30 -6.13
N SER D 76 17.62 8.37 -6.91
CA SER D 76 18.58 9.46 -6.87
C SER D 76 18.53 10.18 -5.54
N ARG D 77 17.34 10.40 -5.00
CA ARG D 77 17.25 11.06 -3.71
C ARG D 77 17.70 10.13 -2.60
N LEU D 78 17.51 8.82 -2.76
CA LEU D 78 17.99 7.89 -1.74
C LEU D 78 19.49 7.74 -1.80
N ALA D 79 20.08 7.99 -2.95
CA ALA D 79 21.53 7.97 -3.03
C ALA D 79 22.12 9.25 -2.48
N HIS D 80 21.42 10.36 -2.66
CA HIS D 80 21.98 11.63 -2.22
C HIS D 80 21.75 11.84 -0.73
N TYR D 81 20.70 11.23 -0.16
CA TYR D 81 20.40 11.45 1.25
C TYR D 81 21.33 10.66 2.15
N ASN D 82 21.98 9.63 1.64
CA ASN D 82 22.91 8.85 2.44
C ASN D 82 24.34 9.13 2.08
N LYS D 83 24.59 10.20 1.33
CA LYS D 83 25.91 10.68 0.95
C LYS D 83 26.70 9.62 0.20
N ARG D 84 25.98 8.80 -0.56
CA ARG D 84 26.57 7.88 -1.50
C ARG D 84 26.64 8.54 -2.86
N SER D 85 27.16 7.81 -3.82
CA SER D 85 27.25 8.31 -5.18
C SER D 85 26.81 7.28 -6.19
N THR D 86 26.08 6.26 -5.78
CA THR D 86 25.70 5.22 -6.70
C THR D 86 24.22 4.91 -6.60
N ILE D 87 23.63 4.55 -7.73
CA ILE D 87 22.34 3.91 -7.76
C ILE D 87 22.62 2.41 -7.84
N THR D 88 22.74 1.75 -6.71
CA THR D 88 22.95 0.31 -6.79
C THR D 88 21.60 -0.36 -6.83
N SER D 89 21.60 -1.69 -6.79
CA SER D 89 20.34 -2.43 -6.75
C SER D 89 19.55 -2.15 -5.50
N ARG D 90 20.21 -1.88 -4.40
CA ARG D 90 19.51 -1.70 -3.16
C ARG D 90 18.73 -0.39 -3.13
N GLU D 91 19.21 0.63 -3.83
CA GLU D 91 18.45 1.88 -3.86
C GLU D 91 17.22 1.75 -4.73
N ILE D 92 17.27 0.96 -5.79
CA ILE D 92 16.07 0.74 -6.56
C ILE D 92 15.10 -0.12 -5.77
N GLN D 93 15.61 -1.01 -4.91
CA GLN D 93 14.73 -1.81 -4.07
C GLN D 93 14.04 -0.94 -3.02
N THR D 94 14.76 0.01 -2.44
CA THR D 94 14.12 0.88 -1.47
C THR D 94 13.18 1.87 -2.17
N ALA D 95 13.49 2.23 -3.41
CA ALA D 95 12.58 3.10 -4.15
C ALA D 95 11.28 2.40 -4.48
N VAL D 96 11.37 1.12 -4.84
CA VAL D 96 10.17 0.33 -5.09
C VAL D 96 9.40 0.09 -3.80
N ARG D 97 10.11 0.00 -2.68
CA ARG D 97 9.42 -0.15 -1.41
C ARG D 97 8.69 1.12 -1.01
N LEU D 98 9.18 2.28 -1.45
CA LEU D 98 8.50 3.51 -1.08
C LEU D 98 7.35 3.83 -2.02
N LEU D 99 7.56 3.72 -3.34
CA LEU D 99 6.58 4.22 -4.28
C LEU D 99 5.37 3.30 -4.43
N LEU D 100 5.59 2.06 -4.69
CA LEU D 100 4.47 1.19 -5.00
C LEU D 100 3.75 0.77 -3.73
N PRO D 101 2.43 0.73 -3.71
CA PRO D 101 1.72 0.51 -2.46
C PRO D 101 1.53 -0.97 -2.14
N GLY D 102 2.11 -1.42 -1.04
CA GLY D 102 1.69 -2.66 -0.43
C GLY D 102 2.05 -3.91 -1.20
N GLU D 103 1.02 -4.55 -1.75
CA GLU D 103 1.23 -5.84 -2.37
C GLU D 103 1.99 -5.70 -3.68
N LEU D 104 1.84 -4.57 -4.36
CA LEU D 104 2.69 -4.29 -5.51
C LEU D 104 4.14 -4.13 -5.08
N ALA D 105 4.37 -3.58 -3.89
CA ALA D 105 5.74 -3.46 -3.42
C ALA D 105 6.35 -4.81 -3.13
N LYS D 106 5.58 -5.70 -2.49
CA LYS D 106 6.09 -7.03 -2.19
C LYS D 106 6.35 -7.82 -3.46
N HIS D 107 5.43 -7.77 -4.41
CA HIS D 107 5.61 -8.52 -5.64
C HIS D 107 6.72 -7.96 -6.51
N ALA D 108 6.84 -6.63 -6.60
CA ALA D 108 7.86 -6.07 -7.45
C ALA D 108 9.24 -6.21 -6.84
N VAL D 109 9.32 -6.15 -5.50
CA VAL D 109 10.58 -6.44 -4.83
C VAL D 109 10.98 -7.90 -5.04
N SER D 110 10.02 -8.83 -4.95
CA SER D 110 10.32 -10.24 -5.19
C SER D 110 10.79 -10.50 -6.61
N GLU D 111 10.10 -9.91 -7.59
CA GLU D 111 10.46 -10.13 -8.99
C GLU D 111 11.78 -9.46 -9.33
N GLY D 112 12.05 -8.31 -8.72
CA GLY D 112 13.33 -7.65 -8.95
C GLY D 112 14.50 -8.44 -8.40
N THR D 113 14.39 -8.91 -7.15
CA THR D 113 15.54 -9.61 -6.58
C THR D 113 15.68 -10.99 -7.21
N LYS D 114 14.58 -11.57 -7.70
CA LYS D 114 14.68 -12.79 -8.50
C LYS D 114 15.44 -12.55 -9.78
N ALA D 115 15.18 -11.42 -10.44
CA ALA D 115 15.88 -11.15 -11.68
C ALA D 115 17.34 -10.78 -11.45
N VAL D 116 17.65 -10.16 -10.32
CA VAL D 116 19.04 -9.78 -10.12
C VAL D 116 19.87 -10.99 -9.65
N THR D 117 19.25 -11.95 -8.95
CA THR D 117 19.99 -13.15 -8.61
C THR D 117 20.07 -14.10 -9.78
N CYS D 118 19.11 -14.04 -10.71
CA CYS D 118 19.27 -14.78 -11.95
C CYS D 118 20.30 -14.13 -12.85
N TYR D 119 20.49 -12.82 -12.73
CA TYR D 119 21.50 -12.15 -13.54
C TYR D 119 22.91 -12.39 -13.03
N THR D 120 23.11 -12.35 -11.71
CA THR D 120 24.47 -12.44 -11.21
C THR D 120 25.08 -13.83 -11.35
N SER D 121 24.26 -14.88 -11.41
CA SER D 121 24.76 -16.23 -11.63
C SER D 121 24.54 -16.54 -13.10
N ALA D 122 25.39 -15.98 -13.95
CA ALA D 122 25.30 -16.22 -15.38
C ALA D 122 26.68 -16.34 -15.99
N LYS E 37 -52.55 12.03 -25.03
CA LYS E 37 -51.49 12.11 -24.03
C LYS E 37 -50.18 11.59 -24.60
N PRO E 38 -49.17 12.47 -24.71
CA PRO E 38 -47.88 12.04 -25.24
C PRO E 38 -47.08 11.25 -24.20
N HIS E 39 -46.13 10.44 -24.69
CA HIS E 39 -45.27 9.61 -23.80
C HIS E 39 -44.17 10.48 -23.19
N ARG E 40 -44.31 10.81 -21.90
CA ARG E 40 -43.31 11.66 -21.20
C ARG E 40 -42.69 10.85 -20.04
N TYR E 41 -41.36 10.92 -19.89
CA TYR E 41 -40.65 10.19 -18.82
C TYR E 41 -40.61 11.05 -17.55
N ARG E 42 -40.87 10.45 -16.39
CA ARG E 42 -40.86 11.17 -15.09
C ARG E 42 -39.53 11.93 -14.96
N PRO E 43 -39.54 13.26 -14.69
CA PRO E 43 -38.31 14.04 -14.55
C PRO E 43 -37.35 13.39 -13.57
N GLY E 44 -36.26 12.86 -14.10
CA GLY E 44 -35.27 12.18 -13.31
C GLY E 44 -34.80 10.85 -13.87
N THR E 45 -35.29 10.43 -15.03
CA THR E 45 -34.80 9.17 -15.57
C THR E 45 -34.05 9.36 -16.89
N VAL E 46 -34.27 10.49 -17.57
CA VAL E 46 -33.42 10.79 -18.71
C VAL E 46 -32.06 11.25 -18.20
N ALA E 47 -32.02 11.80 -16.98
CA ALA E 47 -30.74 12.08 -16.34
C ALA E 47 -29.98 10.79 -16.06
N LEU E 48 -30.67 9.76 -15.59
CA LEU E 48 -29.99 8.50 -15.30
C LEU E 48 -29.59 7.77 -16.57
N ARG E 49 -30.40 7.89 -17.62
CA ARG E 49 -29.99 7.31 -18.90
C ARG E 49 -28.83 8.10 -19.50
N GLU E 50 -28.77 9.41 -19.26
CA GLU E 50 -27.64 10.21 -19.70
C GLU E 50 -26.38 9.82 -18.94
N ILE E 51 -26.51 9.54 -17.64
CA ILE E 51 -25.36 9.14 -16.84
C ILE E 51 -24.84 7.80 -17.32
N ARG E 52 -25.74 6.84 -17.53
CA ARG E 52 -25.29 5.53 -17.99
C ARG E 52 -24.80 5.58 -19.43
N ARG E 53 -25.18 6.61 -20.18
CA ARG E 53 -24.67 6.74 -21.54
C ARG E 53 -23.26 7.32 -21.54
N TYR E 54 -23.06 8.44 -20.84
CA TYR E 54 -21.77 9.11 -20.91
C TYR E 54 -20.73 8.46 -20.03
N GLN E 55 -21.12 7.78 -18.96
CA GLN E 55 -20.12 7.16 -18.12
C GLN E 55 -19.53 5.92 -18.76
N LYS E 56 -20.25 5.26 -19.64
CA LYS E 56 -19.72 4.08 -20.29
C LYS E 56 -19.01 4.40 -21.59
N SER E 57 -19.08 5.64 -22.05
CA SER E 57 -18.49 6.03 -23.31
C SER E 57 -17.33 6.99 -23.08
N THR E 58 -16.42 7.03 -24.06
CA THR E 58 -15.15 7.73 -23.92
C THR E 58 -14.98 8.92 -24.85
N GLU E 59 -16.06 9.60 -25.23
CA GLU E 59 -15.95 10.75 -26.11
C GLU E 59 -15.26 11.91 -25.41
N LEU E 60 -14.89 12.91 -26.20
CA LEU E 60 -14.64 14.22 -25.61
C LEU E 60 -15.93 15.01 -25.60
N LEU E 61 -16.41 15.35 -24.40
CA LEU E 61 -17.76 15.86 -24.26
C LEU E 61 -17.89 17.35 -24.54
N ILE E 62 -16.80 18.08 -24.60
CA ILE E 62 -16.84 19.45 -25.09
C ILE E 62 -16.54 19.39 -26.57
N ARG E 63 -17.19 20.26 -27.35
CA ARG E 63 -16.94 20.27 -28.78
C ARG E 63 -15.56 20.87 -29.04
N LYS E 64 -14.91 20.41 -30.12
CA LYS E 64 -13.49 20.64 -30.29
C LYS E 64 -13.18 22.10 -30.63
N LEU E 65 -13.83 22.63 -31.66
CA LEU E 65 -13.51 23.99 -32.11
C LEU E 65 -13.85 25.10 -31.14
N PRO E 66 -14.93 25.05 -30.33
CA PRO E 66 -15.03 26.04 -29.26
C PRO E 66 -13.91 25.93 -28.25
N PHE E 67 -13.39 24.73 -28.04
CA PHE E 67 -12.28 24.59 -27.12
C PHE E 67 -11.00 25.11 -27.73
N GLN E 68 -10.83 24.96 -29.04
CA GLN E 68 -9.67 25.57 -29.70
C GLN E 68 -9.70 27.08 -29.58
N ARG E 69 -10.89 27.68 -29.74
CA ARG E 69 -10.96 29.13 -29.64
C ARG E 69 -10.77 29.58 -28.20
N LEU E 70 -11.19 28.76 -27.24
CA LEU E 70 -10.97 29.11 -25.84
C LEU E 70 -9.50 29.04 -25.48
N VAL E 71 -8.82 28.01 -25.96
CA VAL E 71 -7.41 27.84 -25.63
C VAL E 71 -6.57 28.93 -26.28
N ARG E 72 -6.93 29.33 -27.50
CA ARG E 72 -6.18 30.40 -28.16
C ARG E 72 -6.46 31.75 -27.51
N GLU E 73 -7.69 31.99 -27.06
CA GLU E 73 -8.00 33.23 -26.35
C GLU E 73 -7.23 33.32 -25.05
N ILE E 74 -7.16 32.22 -24.30
CA ILE E 74 -6.45 32.25 -23.02
C ILE E 74 -4.94 32.35 -23.25
N ALA E 75 -4.46 31.73 -24.32
CA ALA E 75 -3.03 31.77 -24.58
C ALA E 75 -2.59 33.07 -25.22
N GLN E 76 -3.51 33.89 -25.70
CA GLN E 76 -3.09 35.19 -26.23
C GLN E 76 -2.64 36.14 -25.12
N ASP E 77 -3.04 35.88 -23.88
CA ASP E 77 -2.67 36.78 -22.80
C ASP E 77 -1.22 36.56 -22.35
N PHE E 78 -0.60 35.46 -22.74
CA PHE E 78 0.72 35.15 -22.21
C PHE E 78 1.81 35.34 -23.27
N LYS E 79 1.54 34.90 -24.49
CA LYS E 79 2.49 35.08 -25.57
C LYS E 79 1.68 35.32 -26.84
N THR E 80 1.88 36.48 -27.45
CA THR E 80 1.08 36.91 -28.57
C THR E 80 1.44 36.11 -29.82
N ASP E 81 0.44 35.91 -30.69
CA ASP E 81 0.48 35.13 -31.94
C ASP E 81 1.21 33.79 -31.79
N LEU E 82 0.84 33.04 -30.75
CA LEU E 82 1.30 31.67 -30.59
C LEU E 82 0.59 30.75 -31.55
N ARG E 83 1.21 29.59 -31.77
CA ARG E 83 0.58 28.51 -32.49
C ARG E 83 0.44 27.31 -31.57
N PHE E 84 -0.44 26.40 -31.93
CA PHE E 84 -0.68 25.21 -31.13
C PHE E 84 -0.61 24.00 -32.03
N GLN E 85 0.17 23.01 -31.65
CA GLN E 85 0.03 21.71 -32.28
C GLN E 85 -1.34 21.15 -31.94
N SER E 86 -1.94 20.41 -32.88
CA SER E 86 -3.28 19.89 -32.68
C SER E 86 -3.32 18.88 -31.55
N SER E 87 -2.23 18.14 -31.37
CA SER E 87 -2.13 17.24 -30.23
C SER E 87 -2.08 18.00 -28.92
N ALA E 88 -1.57 19.22 -28.91
CA ALA E 88 -1.56 19.97 -27.66
C ALA E 88 -2.94 20.48 -27.30
N VAL E 89 -3.74 20.80 -28.30
CA VAL E 89 -5.12 21.17 -28.00
C VAL E 89 -5.89 19.96 -27.50
N MET E 90 -5.63 18.78 -28.08
CA MET E 90 -6.29 17.59 -27.57
C MET E 90 -5.80 17.21 -26.18
N ALA E 91 -4.55 17.54 -25.86
CA ALA E 91 -4.05 17.26 -24.51
C ALA E 91 -4.63 18.21 -23.49
N LEU E 92 -4.74 19.48 -23.85
CA LEU E 92 -5.41 20.45 -22.99
C LEU E 92 -6.87 20.11 -22.80
N GLN E 93 -7.52 19.59 -23.84
CA GLN E 93 -8.92 19.23 -23.75
C GLN E 93 -9.15 18.00 -22.88
N GLU E 94 -8.34 16.95 -23.08
CA GLU E 94 -8.50 15.75 -22.28
C GLU E 94 -8.18 16.01 -20.83
N ALA E 95 -7.17 16.85 -20.57
CA ALA E 95 -6.85 17.21 -19.20
C ALA E 95 -7.92 18.05 -18.56
N SER E 96 -8.44 19.06 -19.26
CA SER E 96 -9.39 19.95 -18.65
C SER E 96 -10.73 19.27 -18.44
N GLU E 97 -11.13 18.41 -19.35
CA GLU E 97 -12.41 17.77 -19.12
C GLU E 97 -12.29 16.61 -18.13
N ALA E 98 -11.10 16.01 -17.97
CA ALA E 98 -11.01 15.01 -16.94
C ALA E 98 -10.90 15.63 -15.56
N TYR E 99 -10.33 16.83 -15.49
CA TYR E 99 -10.36 17.58 -14.24
C TYR E 99 -11.77 18.01 -13.90
N LEU E 100 -12.53 18.45 -14.89
CA LEU E 100 -13.91 18.86 -14.62
C LEU E 100 -14.79 17.67 -14.27
N VAL E 101 -14.50 16.49 -14.80
CA VAL E 101 -15.25 15.31 -14.44
C VAL E 101 -14.96 14.91 -12.99
N ALA E 102 -13.68 14.95 -12.59
CA ALA E 102 -13.37 14.63 -11.19
C ALA E 102 -13.92 15.69 -10.24
N LEU E 103 -13.96 16.94 -10.67
CA LEU E 103 -14.55 17.99 -9.86
C LEU E 103 -16.04 17.80 -9.70
N PHE E 104 -16.72 17.32 -10.74
CA PHE E 104 -18.15 17.07 -10.59
C PHE E 104 -18.42 15.82 -9.78
N GLU E 105 -17.46 14.89 -9.71
CA GLU E 105 -17.62 13.78 -8.77
C GLU E 105 -17.51 14.27 -7.33
N ASP E 106 -16.51 15.10 -7.04
CA ASP E 106 -16.38 15.65 -5.69
C ASP E 106 -17.54 16.58 -5.34
N THR E 107 -18.06 17.30 -6.33
CA THR E 107 -19.21 18.16 -6.12
C THR E 107 -20.48 17.37 -5.87
N ASN E 108 -20.66 16.26 -6.56
CA ASN E 108 -21.82 15.42 -6.31
C ASN E 108 -21.74 14.78 -4.94
N LEU E 109 -20.53 14.44 -4.48
CA LEU E 109 -20.38 13.95 -3.12
C LEU E 109 -20.69 15.03 -2.09
N CYS E 110 -20.32 16.28 -2.38
CA CYS E 110 -20.65 17.39 -1.51
C CYS E 110 -22.16 17.60 -1.42
N ALA E 111 -22.83 17.58 -2.57
CA ALA E 111 -24.26 17.85 -2.61
C ALA E 111 -25.05 16.72 -1.96
N ILE E 112 -24.62 15.49 -2.15
CA ILE E 112 -25.25 14.36 -1.48
C ILE E 112 -25.00 14.43 0.02
N HIS E 113 -23.84 14.95 0.42
CA HIS E 113 -23.58 15.14 1.85
C HIS E 113 -24.48 16.20 2.45
N ALA E 114 -24.88 17.20 1.66
CA ALA E 114 -25.78 18.22 2.20
C ALA E 114 -27.24 17.82 2.12
N LYS E 115 -27.54 16.52 1.98
CA LYS E 115 -28.88 15.95 1.87
C LYS E 115 -29.67 16.50 0.68
N ARG E 116 -29.00 16.92 -0.37
CA ARG E 116 -29.64 17.34 -1.60
C ARG E 116 -29.30 16.34 -2.69
N VAL E 117 -29.67 16.66 -3.92
CA VAL E 117 -29.15 15.92 -5.07
C VAL E 117 -28.61 16.84 -6.14
N THR E 118 -28.81 18.14 -6.01
CA THR E 118 -28.50 19.10 -7.06
C THR E 118 -27.19 19.79 -6.72
N ILE E 119 -26.21 19.70 -7.60
CA ILE E 119 -24.97 20.43 -7.38
C ILE E 119 -25.23 21.92 -7.57
N MET E 120 -24.65 22.73 -6.72
CA MET E 120 -24.90 24.17 -6.68
C MET E 120 -23.54 24.84 -6.58
N PRO E 121 -23.43 26.14 -6.88
CA PRO E 121 -22.09 26.75 -6.90
C PRO E 121 -21.42 26.80 -5.55
N LYS E 122 -22.16 26.75 -4.45
CA LYS E 122 -21.47 26.57 -3.19
C LYS E 122 -20.90 25.18 -3.04
N ASP E 123 -21.42 24.19 -3.75
CA ASP E 123 -20.84 22.85 -3.70
C ASP E 123 -19.52 22.80 -4.46
N ILE E 124 -19.43 23.45 -5.62
CA ILE E 124 -18.17 23.52 -6.35
C ILE E 124 -17.15 24.31 -5.55
N GLN E 125 -17.58 25.41 -4.92
CA GLN E 125 -16.63 26.19 -4.13
C GLN E 125 -16.14 25.43 -2.90
N LEU E 126 -17.00 24.59 -2.31
CA LEU E 126 -16.54 23.77 -1.20
C LEU E 126 -15.56 22.70 -1.68
N ALA E 127 -15.86 22.04 -2.81
CA ALA E 127 -14.97 20.98 -3.29
C ALA E 127 -13.61 21.54 -3.67
N ARG E 128 -13.57 22.73 -4.22
CA ARG E 128 -12.28 23.33 -4.55
C ARG E 128 -11.61 23.91 -3.33
N ARG E 129 -12.33 24.14 -2.24
CA ARG E 129 -11.65 24.59 -1.03
C ARG E 129 -11.11 23.41 -0.23
N ILE E 130 -11.79 22.27 -0.29
CA ILE E 130 -11.30 21.08 0.39
C ILE E 130 -10.10 20.51 -0.34
N ARG E 131 -10.13 20.52 -1.69
CA ARG E 131 -9.04 19.94 -2.45
C ARG E 131 -7.76 20.75 -2.33
N GLY E 132 -7.87 22.02 -1.94
CA GLY E 132 -6.71 22.85 -1.77
C GLY E 132 -6.42 23.77 -2.92
N GLU E 133 -7.44 24.40 -3.50
CA GLU E 133 -7.28 25.21 -4.69
C GLU E 133 -7.79 26.63 -4.54
N ARG E 134 -8.37 26.96 -3.39
CA ARG E 134 -8.84 28.32 -3.13
C ARG E 134 -8.64 28.66 -1.66
N HIS F 19 -3.45 38.49 -42.76
CA HIS F 19 -3.98 39.35 -41.71
C HIS F 19 -3.81 38.70 -40.33
N ARG F 20 -4.82 38.87 -39.47
CA ARG F 20 -4.82 38.30 -38.14
C ARG F 20 -6.24 38.21 -37.58
N LYS F 21 -6.39 37.62 -36.40
CA LYS F 21 -7.69 37.56 -35.73
C LYS F 21 -7.47 37.67 -34.23
N VAL F 22 -8.37 38.39 -33.56
CA VAL F 22 -8.28 38.59 -32.12
C VAL F 22 -9.62 38.21 -31.51
N LEU F 23 -9.56 37.27 -30.56
CA LEU F 23 -10.74 36.57 -30.05
C LEU F 23 -11.26 37.29 -28.83
N ARG F 24 -12.56 37.62 -28.85
CA ARG F 24 -13.10 38.42 -27.76
C ARG F 24 -13.39 37.57 -26.52
N ASP F 25 -14.33 36.64 -26.62
CA ASP F 25 -14.60 35.71 -25.54
C ASP F 25 -15.20 34.43 -26.12
N ASN F 26 -14.61 33.31 -25.73
CA ASN F 26 -15.07 32.04 -26.22
C ASN F 26 -15.36 31.14 -25.03
N ILE F 27 -15.49 31.75 -23.87
CA ILE F 27 -15.78 31.00 -22.66
C ILE F 27 -17.27 30.71 -22.66
N GLN F 28 -18.05 31.46 -23.44
CA GLN F 28 -19.43 31.10 -23.67
C GLN F 28 -19.57 30.01 -24.73
N GLY F 29 -18.46 29.58 -25.32
CA GLY F 29 -18.48 28.44 -26.23
C GLY F 29 -18.48 27.11 -25.52
N ILE F 30 -18.08 27.05 -24.26
CA ILE F 30 -18.28 25.87 -23.45
C ILE F 30 -19.74 25.91 -23.05
N THR F 31 -20.59 25.22 -23.80
CA THR F 31 -22.02 25.43 -23.78
C THR F 31 -22.63 24.94 -22.48
N LYS F 32 -23.91 25.21 -22.32
CA LYS F 32 -24.65 24.56 -21.24
C LYS F 32 -24.87 23.07 -21.47
N PRO F 33 -25.13 22.56 -22.69
CA PRO F 33 -25.09 21.10 -22.84
C PRO F 33 -23.72 20.49 -22.67
N ALA F 34 -22.62 21.23 -22.86
CA ALA F 34 -21.32 20.64 -22.61
C ALA F 34 -21.08 20.44 -21.13
N ILE F 35 -21.42 21.42 -20.31
CA ILE F 35 -21.26 21.27 -18.88
C ILE F 35 -22.28 20.28 -18.34
N ARG F 36 -23.44 20.17 -18.98
CA ARG F 36 -24.37 19.13 -18.59
C ARG F 36 -23.81 17.74 -18.90
N ARG F 37 -23.13 17.59 -20.04
CA ARG F 37 -22.59 16.29 -20.38
C ARG F 37 -21.41 15.93 -19.48
N LEU F 38 -20.61 16.92 -19.12
CA LEU F 38 -19.51 16.69 -18.20
C LEU F 38 -20.01 16.30 -16.82
N ALA F 39 -21.05 16.97 -16.33
CA ALA F 39 -21.58 16.61 -15.03
C ALA F 39 -22.31 15.28 -15.09
N ARG F 40 -22.87 14.93 -16.23
CA ARG F 40 -23.48 13.62 -16.36
C ARG F 40 -22.42 12.54 -16.35
N ARG F 41 -21.22 12.86 -16.82
CA ARG F 41 -20.15 11.89 -16.67
C ARG F 41 -19.71 11.77 -15.22
N GLY F 42 -19.84 12.82 -14.45
CA GLY F 42 -19.41 12.72 -13.08
C GLY F 42 -20.35 11.99 -12.19
N GLY F 43 -21.59 11.84 -12.59
CA GLY F 43 -22.56 11.22 -11.72
C GLY F 43 -23.45 12.21 -11.03
N VAL F 44 -23.89 13.24 -11.75
CA VAL F 44 -24.71 14.30 -11.20
C VAL F 44 -26.09 14.18 -11.82
N LYS F 45 -27.13 14.24 -11.01
CA LYS F 45 -28.47 14.01 -11.54
C LYS F 45 -29.21 15.31 -11.82
N ARG F 46 -29.26 16.22 -10.87
CA ARG F 46 -29.81 17.54 -11.12
C ARG F 46 -28.71 18.57 -11.03
N ILE F 47 -28.81 19.61 -11.84
CA ILE F 47 -27.79 20.65 -11.94
C ILE F 47 -28.45 21.99 -11.72
N SER F 48 -27.99 22.74 -10.74
CA SER F 48 -28.52 24.08 -10.55
C SER F 48 -28.05 25.00 -11.66
N GLY F 49 -28.79 26.09 -11.85
CA GLY F 49 -28.55 26.92 -13.02
C GLY F 49 -27.32 27.78 -12.93
N LEU F 50 -26.69 27.87 -11.76
CA LEU F 50 -25.49 28.67 -11.62
C LEU F 50 -24.22 27.85 -11.80
N ILE F 51 -24.38 26.53 -11.95
CA ILE F 51 -23.25 25.64 -12.19
C ILE F 51 -22.57 25.97 -13.49
N TYR F 52 -23.33 26.46 -14.47
CA TYR F 52 -22.76 26.75 -15.77
C TYR F 52 -21.83 27.95 -15.71
N GLU F 53 -22.20 28.98 -14.96
CA GLU F 53 -21.30 30.12 -14.84
C GLU F 53 -20.12 29.79 -13.93
N GLU F 54 -20.36 29.06 -12.84
CA GLU F 54 -19.27 28.71 -11.94
C GLU F 54 -18.28 27.77 -12.62
N THR F 55 -18.76 26.88 -13.47
CA THR F 55 -17.89 25.92 -14.12
C THR F 55 -17.15 26.55 -15.28
N ARG F 56 -17.75 27.56 -15.93
CA ARG F 56 -16.97 28.33 -16.88
C ARG F 56 -15.85 29.09 -16.18
N GLY F 57 -16.11 29.60 -14.99
CA GLY F 57 -15.05 30.24 -14.23
C GLY F 57 -13.96 29.28 -13.79
N VAL F 58 -14.35 28.09 -13.36
CA VAL F 58 -13.41 27.07 -12.90
C VAL F 58 -12.54 26.58 -14.05
N LEU F 59 -13.15 26.34 -15.20
CA LEU F 59 -12.41 25.90 -16.38
C LEU F 59 -11.47 26.98 -16.86
N LYS F 60 -11.88 28.25 -16.76
CA LYS F 60 -10.99 29.33 -17.18
C LYS F 60 -9.78 29.44 -16.26
N VAL F 61 -9.98 29.22 -14.95
CA VAL F 61 -8.85 29.25 -14.02
C VAL F 61 -7.90 28.11 -14.28
N PHE F 62 -8.44 26.90 -14.51
CA PHE F 62 -7.60 25.74 -14.74
C PHE F 62 -6.82 25.86 -16.04
N LEU F 63 -7.47 26.35 -17.08
CA LEU F 63 -6.77 26.49 -18.36
C LEU F 63 -5.75 27.62 -18.29
N GLU F 64 -6.00 28.64 -17.47
CA GLU F 64 -5.00 29.68 -17.31
C GLU F 64 -3.76 29.14 -16.63
N ASN F 65 -3.93 28.23 -15.67
CA ASN F 65 -2.77 27.66 -14.99
C ASN F 65 -1.97 26.74 -15.92
N VAL F 66 -2.66 25.82 -16.60
CA VAL F 66 -1.95 24.87 -17.48
C VAL F 66 -1.34 25.58 -18.67
N ILE F 67 -2.03 26.58 -19.21
CA ILE F 67 -1.53 27.26 -20.39
C ILE F 67 -0.41 28.22 -20.01
N ARG F 68 -0.46 28.82 -18.82
CA ARG F 68 0.65 29.68 -18.39
C ARG F 68 1.93 28.87 -18.22
N ASP F 69 1.80 27.67 -17.64
CA ASP F 69 3.00 26.83 -17.53
C ASP F 69 3.44 26.29 -18.87
N ALA F 70 2.50 25.97 -19.77
CA ALA F 70 2.91 25.43 -21.07
C ALA F 70 3.54 26.50 -21.94
N VAL F 71 3.03 27.72 -21.88
CA VAL F 71 3.59 28.82 -22.65
C VAL F 71 4.94 29.21 -22.09
N THR F 72 5.16 29.03 -20.77
CA THR F 72 6.51 29.24 -20.26
C THR F 72 7.46 28.15 -20.72
N TYR F 73 6.97 26.92 -20.80
CA TYR F 73 7.79 25.81 -21.28
C TYR F 73 8.16 25.98 -22.75
N THR F 74 7.31 26.66 -23.51
CA THR F 74 7.62 26.84 -24.92
C THR F 74 8.27 28.18 -25.20
N GLU F 75 8.20 29.12 -24.26
CA GLU F 75 8.99 30.33 -24.37
C GLU F 75 10.42 30.05 -24.00
N HIS F 76 10.65 29.04 -23.17
CA HIS F 76 12.01 28.69 -22.84
C HIS F 76 12.74 28.08 -24.01
N ALA F 77 12.09 27.24 -24.78
CA ALA F 77 12.78 26.51 -25.84
C ALA F 77 12.93 27.32 -27.11
N LYS F 78 12.62 28.61 -27.08
CA LYS F 78 12.67 29.53 -28.23
C LYS F 78 11.81 29.01 -29.37
N ARG F 79 10.63 28.52 -29.03
CA ARG F 79 9.68 28.03 -29.99
C ARG F 79 8.52 29.00 -30.10
N LYS F 80 7.62 28.73 -31.02
CA LYS F 80 6.38 29.48 -31.11
C LYS F 80 5.19 28.58 -31.30
N THR F 81 5.33 27.27 -31.07
CA THR F 81 4.21 26.34 -31.06
C THR F 81 4.17 25.68 -29.71
N VAL F 82 3.08 25.85 -28.99
CA VAL F 82 2.87 25.08 -27.77
C VAL F 82 2.63 23.65 -28.21
N THR F 83 3.64 22.81 -28.07
CA THR F 83 3.53 21.45 -28.55
C THR F 83 2.95 20.58 -27.44
N ALA F 84 2.64 19.33 -27.79
CA ALA F 84 1.91 18.48 -26.85
C ALA F 84 2.78 18.07 -25.69
N MET F 85 4.08 17.99 -25.89
CA MET F 85 4.97 17.72 -24.77
C MET F 85 5.00 18.88 -23.81
N ASP F 86 4.76 20.11 -24.27
CA ASP F 86 4.76 21.23 -23.35
C ASP F 86 3.52 21.22 -22.47
N VAL F 87 2.38 20.85 -23.03
CA VAL F 87 1.18 20.74 -22.22
C VAL F 87 1.29 19.56 -21.27
N VAL F 88 1.89 18.45 -21.72
CA VAL F 88 2.06 17.29 -20.85
C VAL F 88 3.03 17.59 -19.71
N TYR F 89 4.07 18.40 -19.99
CA TYR F 89 5.00 18.74 -18.92
C TYR F 89 4.38 19.74 -17.95
N ALA F 90 3.52 20.62 -18.44
CA ALA F 90 2.83 21.53 -17.54
C ALA F 90 1.90 20.77 -16.60
N LEU F 91 1.20 19.79 -17.14
CA LEU F 91 0.32 19.00 -16.31
C LEU F 91 1.09 18.05 -15.41
N LYS F 92 2.28 17.62 -15.81
CA LYS F 92 3.10 16.81 -14.92
C LYS F 92 3.66 17.67 -13.81
N ARG F 93 3.80 18.96 -14.06
CA ARG F 93 4.25 19.83 -12.99
C ARG F 93 3.15 20.06 -11.97
N GLN F 94 1.91 20.29 -12.41
CA GLN F 94 0.87 20.57 -11.44
C GLN F 94 0.28 19.34 -10.77
N GLY F 95 0.82 18.16 -11.02
CA GLY F 95 0.27 16.97 -10.41
C GLY F 95 -0.62 16.15 -11.28
N ARG F 96 -1.35 16.77 -12.20
CA ARG F 96 -2.23 16.05 -13.10
C ARG F 96 -1.49 15.38 -14.24
N THR F 97 -0.66 14.37 -13.97
CA THR F 97 0.13 13.71 -15.01
C THR F 97 -0.76 13.16 -16.11
N LEU F 98 -0.31 13.28 -17.35
CA LEU F 98 -1.16 12.93 -18.47
C LEU F 98 -0.48 11.87 -19.29
N TYR F 99 -1.10 10.71 -19.40
CA TYR F 99 -0.59 9.63 -20.22
C TYR F 99 -1.30 9.64 -21.55
N GLY F 100 -0.57 9.42 -22.61
CA GLY F 100 -1.17 9.28 -23.91
C GLY F 100 -0.84 10.38 -24.87
N PHE F 101 0.18 11.17 -24.61
CA PHE F 101 0.61 12.18 -25.56
C PHE F 101 2.12 12.24 -25.68
N GLY F 102 2.82 11.43 -24.93
CA GLY F 102 4.28 11.39 -24.97
C GLY F 102 4.88 11.78 -23.63
N ALA G 13 46.26 39.54 -6.75
CA ALA G 13 45.11 38.66 -6.87
C ALA G 13 44.27 38.71 -5.60
N LYS G 14 43.45 39.75 -5.48
CA LYS G 14 42.57 39.87 -4.33
C LYS G 14 41.38 38.95 -4.47
N ALA G 15 41.13 38.15 -3.43
CA ALA G 15 40.03 37.20 -3.45
C ALA G 15 38.72 37.91 -3.16
N LYS G 16 38.10 38.44 -4.21
CA LYS G 16 36.81 39.08 -4.10
C LYS G 16 35.74 38.04 -4.40
N THR G 17 34.86 37.80 -3.44
CA THR G 17 33.92 36.69 -3.53
C THR G 17 32.81 36.98 -4.52
N ARG G 18 32.28 35.90 -5.11
CA ARG G 18 31.19 36.05 -6.07
C ARG G 18 29.91 36.48 -5.40
N SER G 19 29.74 36.14 -4.12
CA SER G 19 28.61 36.64 -3.35
C SER G 19 28.68 38.15 -3.18
N SER G 20 29.89 38.70 -3.17
CA SER G 20 30.06 40.14 -3.05
C SER G 20 30.16 40.81 -4.41
N ARG G 21 30.53 40.06 -5.44
CA ARG G 21 30.60 40.63 -6.78
C ARG G 21 29.24 41.04 -7.31
N ALA G 22 28.20 40.30 -6.95
CA ALA G 22 26.87 40.59 -7.45
C ALA G 22 26.06 41.47 -6.51
N GLY G 23 26.59 41.80 -5.34
CA GLY G 23 25.82 42.59 -4.41
C GLY G 23 24.80 41.78 -3.65
N LEU G 24 24.97 40.47 -3.63
CA LEU G 24 24.07 39.56 -2.93
C LEU G 24 24.59 39.30 -1.53
N GLN G 25 23.78 38.60 -0.74
CA GLN G 25 24.27 38.10 0.53
C GLN G 25 24.48 36.60 0.48
N PHE G 26 23.71 35.92 -0.34
CA PHE G 26 23.70 34.47 -0.32
C PHE G 26 24.94 33.90 -1.00
N PRO G 27 25.45 32.79 -0.51
CA PRO G 27 26.77 32.33 -0.95
C PRO G 27 26.80 31.71 -2.33
N VAL G 28 27.04 32.54 -3.34
CA VAL G 28 27.04 32.11 -4.74
C VAL G 28 28.08 31.01 -4.97
N GLY G 29 29.15 31.01 -4.20
CA GLY G 29 30.05 29.87 -4.25
C GLY G 29 29.42 28.59 -3.75
N ARG G 30 28.71 28.68 -2.63
CA ARG G 30 28.08 27.48 -2.06
C ARG G 30 26.91 27.03 -2.91
N VAL G 31 26.17 27.98 -3.49
CA VAL G 31 25.07 27.62 -4.39
C VAL G 31 25.63 26.98 -5.66
N HIS G 32 26.78 27.44 -6.13
CA HIS G 32 27.40 26.81 -7.29
C HIS G 32 27.89 25.41 -6.97
N ARG G 33 28.43 25.22 -5.76
CA ARG G 33 28.90 23.89 -5.37
C ARG G 33 27.74 22.95 -5.19
N LEU G 34 26.61 23.45 -4.72
CA LEU G 34 25.45 22.58 -4.56
C LEU G 34 24.83 22.26 -5.91
N LEU G 35 24.87 23.18 -6.86
CA LEU G 35 24.35 22.88 -8.19
C LEU G 35 25.23 21.87 -8.91
N ARG G 36 26.54 21.90 -8.66
CA ARG G 36 27.40 20.91 -9.30
C ARG G 36 27.30 19.56 -8.62
N LYS G 37 27.56 19.51 -7.32
CA LYS G 37 27.64 18.27 -6.58
C LYS G 37 26.28 17.62 -6.38
N GLY G 38 25.19 18.36 -6.54
CA GLY G 38 23.87 17.82 -6.33
C GLY G 38 23.33 16.97 -7.46
N ASN G 39 24.07 16.85 -8.56
CA ASN G 39 23.69 16.08 -9.75
C ASN G 39 22.38 16.55 -10.35
N TYR G 40 22.36 17.80 -10.80
CA TYR G 40 21.20 18.29 -11.53
C TYR G 40 21.46 18.27 -13.02
N ALA G 41 22.66 18.63 -13.44
CA ALA G 41 23.02 18.43 -14.83
C ALA G 41 24.52 18.18 -14.90
N GLU G 42 24.98 17.79 -16.08
CA GLU G 42 26.37 17.40 -16.20
C GLU G 42 27.30 18.60 -16.23
N ARG G 43 26.75 19.79 -16.40
CA ARG G 43 27.54 21.01 -16.28
C ARG G 43 26.64 22.14 -15.84
N VAL G 44 27.19 23.09 -15.10
CA VAL G 44 26.43 24.19 -14.55
C VAL G 44 27.06 25.48 -15.04
N GLY G 45 26.27 26.31 -15.71
CA GLY G 45 26.80 27.55 -16.25
C GLY G 45 27.16 28.54 -15.17
N ALA G 46 27.95 29.54 -15.55
CA ALA G 46 28.35 30.56 -14.60
C ALA G 46 27.22 31.54 -14.30
N GLY G 47 26.23 31.62 -15.16
CA GLY G 47 25.09 32.48 -14.89
C GLY G 47 24.09 31.86 -13.95
N ALA G 48 24.22 30.57 -13.67
CA ALA G 48 23.27 29.89 -12.82
C ALA G 48 23.34 30.27 -11.34
N PRO G 49 24.48 30.18 -10.64
CA PRO G 49 24.38 30.37 -9.20
C PRO G 49 24.19 31.80 -8.78
N VAL G 50 24.61 32.79 -9.58
CA VAL G 50 24.30 34.19 -9.27
C VAL G 50 22.80 34.42 -9.32
N TYR G 51 22.14 33.86 -10.32
CA TYR G 51 20.69 34.02 -10.48
C TYR G 51 19.98 33.30 -9.35
N LEU G 52 20.44 32.10 -9.01
CA LEU G 52 19.74 31.30 -8.02
C LEU G 52 19.95 31.86 -6.62
N ALA G 53 21.14 32.37 -6.33
CA ALA G 53 21.34 32.98 -5.02
C ALA G 53 20.63 34.31 -4.93
N ALA G 54 20.43 35.00 -6.05
CA ALA G 54 19.61 36.21 -6.02
C ALA G 54 18.16 35.88 -5.73
N VAL G 55 17.63 34.81 -6.33
CA VAL G 55 16.25 34.44 -6.08
C VAL G 55 16.06 33.96 -4.65
N LEU G 56 17.01 33.17 -4.14
CA LEU G 56 16.95 32.73 -2.74
C LEU G 56 17.04 33.90 -1.79
N GLU G 57 17.88 34.89 -2.09
CA GLU G 57 18.02 36.05 -1.22
C GLU G 57 16.76 36.89 -1.25
N TYR G 58 16.10 36.96 -2.41
CA TYR G 58 14.88 37.75 -2.48
C TYR G 58 13.75 37.08 -1.72
N LEU G 59 13.64 35.76 -1.83
CA LEU G 59 12.56 35.07 -1.11
C LEU G 59 12.80 35.11 0.39
N THR G 60 14.07 35.00 0.81
CA THR G 60 14.38 35.12 2.23
C THR G 60 14.15 36.54 2.73
N ALA G 61 14.40 37.53 1.87
CA ALA G 61 14.15 38.90 2.25
C ALA G 61 12.66 39.17 2.44
N GLU G 62 11.82 38.62 1.56
CA GLU G 62 10.39 38.85 1.70
C GLU G 62 9.81 38.12 2.90
N ILE G 63 10.27 36.89 3.14
CA ILE G 63 9.77 36.14 4.29
C ILE G 63 10.24 36.77 5.59
N LEU G 64 11.47 37.26 5.63
CA LEU G 64 11.96 37.86 6.86
C LEU G 64 11.37 39.23 7.09
N GLU G 65 11.05 39.99 6.03
CA GLU G 65 10.38 41.27 6.21
C GLU G 65 8.98 41.06 6.77
N LEU G 66 8.23 40.12 6.21
CA LEU G 66 6.88 39.90 6.70
C LEU G 66 6.88 39.29 8.10
N ALA G 67 7.88 38.47 8.41
CA ALA G 67 7.97 37.92 9.75
C ALA G 67 8.39 38.98 10.76
N GLY G 68 9.24 39.91 10.35
CA GLY G 68 9.60 41.00 11.23
C GLY G 68 8.44 41.92 11.51
N ASN G 69 7.61 42.17 10.50
CA ASN G 69 6.38 42.94 10.74
C ASN G 69 5.43 42.19 11.66
N ALA G 70 5.33 40.87 11.50
CA ALA G 70 4.40 40.11 12.34
C ALA G 70 4.93 39.97 13.76
N ALA G 71 6.24 40.03 13.94
CA ALA G 71 6.77 39.99 15.30
C ALA G 71 6.74 41.36 15.94
N ARG G 72 6.85 42.41 15.12
CA ARG G 72 6.75 43.77 15.64
C ARG G 72 5.32 44.08 16.07
N ASP G 73 4.34 43.51 15.38
CA ASP G 73 2.96 43.69 15.81
C ASP G 73 2.67 42.96 17.10
N ASN G 74 3.37 41.86 17.38
CA ASN G 74 3.22 41.19 18.67
C ASN G 74 4.18 41.71 19.72
N LYS G 75 4.91 42.81 19.42
CA LYS G 75 5.79 43.50 20.34
C LYS G 75 6.89 42.60 20.89
N LYS G 76 7.42 41.73 20.02
CA LYS G 76 8.56 40.90 20.35
C LYS G 76 9.66 41.21 19.35
N THR G 77 10.91 41.06 19.77
CA THR G 77 12.01 41.37 18.88
C THR G 77 12.77 40.14 18.41
N ARG G 78 12.31 38.94 18.77
CA ARG G 78 12.86 37.71 18.21
C ARG G 78 11.81 37.06 17.34
N ILE G 79 12.18 36.78 16.10
CA ILE G 79 11.28 36.05 15.21
C ILE G 79 11.23 34.59 15.63
N ILE G 80 10.11 34.17 16.19
CA ILE G 80 9.93 32.79 16.63
C ILE G 80 9.20 32.11 15.47
N PRO G 81 8.97 30.79 15.46
CA PRO G 81 8.27 30.20 14.31
C PRO G 81 6.85 30.65 14.09
N ARG G 82 6.16 31.10 15.14
CA ARG G 82 4.78 31.55 15.00
C ARG G 82 4.70 32.78 14.11
N HIS G 83 5.71 33.64 14.17
CA HIS G 83 5.74 34.79 13.29
C HIS G 83 6.01 34.38 11.86
N LEU G 84 6.76 33.31 11.65
CA LEU G 84 6.94 32.79 10.30
C LEU G 84 5.65 32.22 9.75
N GLN G 85 4.87 31.55 10.59
CA GLN G 85 3.60 31.01 10.11
C GLN G 85 2.63 32.14 9.80
N LEU G 86 2.63 33.19 10.61
CA LEU G 86 1.77 34.33 10.31
C LEU G 86 2.21 35.05 9.04
N ALA G 87 3.52 35.04 8.77
CA ALA G 87 4.03 35.68 7.57
C ALA G 87 3.67 34.89 6.32
N VAL G 88 3.79 33.56 6.37
CA VAL G 88 3.55 32.79 5.16
C VAL G 88 2.07 32.50 4.98
N ARG G 89 1.24 32.75 5.99
CA ARG G 89 -0.16 32.53 5.75
C ARG G 89 -0.93 33.82 5.49
N ASN G 90 -0.46 34.96 6.01
CA ASN G 90 -1.19 36.19 5.75
C ASN G 90 -1.04 36.70 4.34
N ASP G 91 0.13 36.55 3.74
CA ASP G 91 0.35 36.94 2.34
C ASP G 91 -0.32 35.88 1.48
N GLU G 92 -0.70 36.26 0.26
CA GLU G 92 -1.35 35.29 -0.61
C GLU G 92 -0.34 34.46 -1.38
N GLU G 93 0.69 35.09 -1.92
CA GLU G 93 1.54 34.38 -2.86
C GLU G 93 2.60 33.54 -2.15
N LEU G 94 3.01 33.93 -0.95
CA LEU G 94 3.85 33.03 -0.18
C LEU G 94 3.05 31.85 0.34
N ASN G 95 1.75 32.05 0.56
CA ASN G 95 0.90 30.91 0.91
C ASN G 95 0.68 29.99 -0.27
N LYS G 96 0.69 30.54 -1.47
CA LYS G 96 0.57 29.65 -2.62
C LYS G 96 1.88 28.92 -2.88
N LEU G 97 3.02 29.53 -2.57
CA LEU G 97 4.29 28.85 -2.76
C LEU G 97 4.53 27.80 -1.69
N LEU G 98 4.19 28.13 -0.45
CA LEU G 98 4.37 27.24 0.68
C LEU G 98 3.08 26.54 1.08
N GLY G 99 2.28 26.12 0.11
CA GLY G 99 0.96 25.61 0.44
C GLY G 99 0.99 24.24 1.07
N ARG G 100 2.00 23.45 0.75
CA ARG G 100 2.09 22.11 1.28
C ARG G 100 2.71 22.06 2.66
N VAL G 101 3.60 22.99 2.99
CA VAL G 101 4.51 22.85 4.12
C VAL G 101 3.76 23.07 5.42
N THR G 102 4.31 22.53 6.49
CA THR G 102 3.77 22.71 7.83
C THR G 102 4.91 23.21 8.69
N ILE G 103 4.91 24.50 8.98
CA ILE G 103 5.99 25.13 9.70
C ILE G 103 5.86 24.79 11.17
N ALA G 104 6.81 24.01 11.68
CA ALA G 104 6.61 23.35 12.96
C ALA G 104 6.71 24.33 14.11
N GLN G 105 5.92 24.06 15.16
CA GLN G 105 5.58 25.01 16.21
C GLN G 105 5.10 26.33 15.63
N GLY G 106 4.19 26.28 14.67
CA GLY G 106 3.79 27.47 13.98
C GLY G 106 2.36 27.88 14.21
N GLY G 107 1.50 26.94 14.58
CA GLY G 107 0.13 27.35 14.82
C GLY G 107 -0.61 27.60 13.52
N VAL G 108 -1.83 28.10 13.66
CA VAL G 108 -2.67 28.43 12.51
C VAL G 108 -3.01 29.91 12.57
N LEU G 109 -3.67 30.40 11.53
CA LEU G 109 -4.19 31.75 11.57
C LEU G 109 -5.39 31.82 12.50
N PRO G 110 -5.51 32.86 13.32
CA PRO G 110 -6.71 32.99 14.17
C PRO G 110 -7.88 33.51 13.36
N ASN G 111 -8.81 32.60 13.06
CA ASN G 111 -10.09 32.98 12.49
C ASN G 111 -11.11 31.91 12.82
N ILE G 112 -12.31 32.34 13.16
CA ILE G 112 -13.43 31.47 13.46
C ILE G 112 -14.43 31.66 12.33
N GLN G 113 -15.09 30.58 11.93
CA GLN G 113 -16.03 30.66 10.82
C GLN G 113 -17.27 31.47 11.21
N SER G 114 -17.90 32.09 10.22
CA SER G 114 -18.90 33.12 10.50
C SER G 114 -20.20 32.53 11.01
N VAL G 115 -20.40 31.23 10.84
CA VAL G 115 -21.60 30.60 11.37
C VAL G 115 -21.43 30.27 12.85
N LEU G 116 -20.20 30.33 13.38
CA LEU G 116 -19.97 29.86 14.74
C LEU G 116 -19.92 30.99 15.77
N LEU G 117 -19.62 32.23 15.37
CA LEU G 117 -19.68 33.33 16.32
C LEU G 117 -21.15 33.63 16.65
N PRO G 118 -21.46 33.95 17.90
CA PRO G 118 -22.86 33.96 18.34
C PRO G 118 -23.60 35.19 17.82
N LYS G 119 -24.92 35.06 17.74
CA LYS G 119 -25.78 36.12 17.24
C LYS G 119 -27.18 36.03 17.83
N THR H 30 31.63 16.80 12.59
CA THR H 30 32.26 17.54 11.51
C THR H 30 31.47 18.80 11.20
N ARG H 31 31.88 19.51 10.15
CA ARG H 31 31.20 20.75 9.78
C ARG H 31 29.91 20.46 9.04
N LYS H 32 28.80 20.85 9.63
CA LYS H 32 27.48 20.75 9.01
C LYS H 32 27.11 22.15 8.50
N GLU H 33 27.07 22.29 7.18
CA GLU H 33 26.84 23.59 6.58
C GLU H 33 25.38 23.99 6.70
N SER H 34 25.15 25.29 6.76
CA SER H 34 23.80 25.82 6.83
C SER H 34 23.78 27.17 6.14
N TYR H 35 22.59 27.66 5.87
CA TYR H 35 22.39 29.01 5.45
C TYR H 35 22.05 29.92 6.60
N ALA H 36 22.60 29.64 7.78
CA ALA H 36 22.23 30.40 8.96
C ALA H 36 22.71 31.84 8.88
N ILE H 37 23.99 32.03 8.56
CA ILE H 37 24.55 33.37 8.67
C ILE H 37 24.08 34.25 7.53
N TYR H 38 23.66 33.66 6.41
CA TYR H 38 23.22 34.47 5.30
C TYR H 38 21.81 34.96 5.50
N VAL H 39 20.96 34.09 6.06
CA VAL H 39 19.65 34.53 6.50
C VAL H 39 19.79 35.59 7.59
N TYR H 40 20.81 35.44 8.43
CA TYR H 40 21.04 36.43 9.47
C TYR H 40 21.46 37.77 8.87
N LYS H 41 22.25 37.75 7.81
CA LYS H 41 22.64 39.00 7.17
C LYS H 41 21.46 39.66 6.46
N VAL H 42 20.60 38.87 5.83
CA VAL H 42 19.45 39.46 5.15
C VAL H 42 18.45 39.97 6.18
N LEU H 43 18.37 39.34 7.34
CA LEU H 43 17.53 39.86 8.41
C LEU H 43 18.07 41.16 8.96
N LYS H 44 19.40 41.25 9.15
CA LYS H 44 19.99 42.50 9.61
C LYS H 44 19.88 43.60 8.58
N GLN H 45 19.79 43.25 7.29
CA GLN H 45 19.51 44.26 6.28
C GLN H 45 18.07 44.75 6.37
N VAL H 46 17.12 43.84 6.46
CA VAL H 46 15.72 44.24 6.28
C VAL H 46 15.09 44.63 7.62
N HIS H 47 15.75 44.29 8.72
CA HIS H 47 15.29 44.65 10.07
C HIS H 47 16.50 44.75 10.97
N PRO H 48 17.06 45.94 11.14
CA PRO H 48 18.40 46.05 11.74
C PRO H 48 18.43 45.85 13.24
N ASP H 49 17.29 45.67 13.90
CA ASP H 49 17.24 45.46 15.33
C ASP H 49 16.69 44.11 15.74
N THR H 50 16.15 43.34 14.80
CA THR H 50 15.34 42.17 15.10
C THR H 50 16.22 40.94 15.03
N GLY H 51 15.98 39.97 15.91
CA GLY H 51 16.71 38.73 15.91
C GLY H 51 15.82 37.55 15.56
N ILE H 52 16.45 36.39 15.40
CA ILE H 52 15.75 35.21 14.93
C ILE H 52 16.13 34.04 15.83
N SER H 53 15.12 33.38 16.38
CA SER H 53 15.38 32.30 17.32
C SER H 53 15.89 31.08 16.57
N SER H 54 16.42 30.12 17.32
CA SER H 54 17.14 29.00 16.69
C SER H 54 16.19 28.08 15.95
N LYS H 55 14.96 27.94 16.45
CA LYS H 55 14.00 27.11 15.73
C LYS H 55 13.53 27.81 14.47
N ALA H 56 13.35 29.13 14.52
CA ALA H 56 13.01 29.85 13.31
C ALA H 56 14.23 30.00 12.42
N MET H 57 15.41 29.93 13.01
CA MET H 57 16.62 29.85 12.19
C MET H 57 16.64 28.56 11.38
N SER H 58 16.28 27.44 12.02
CA SER H 58 16.26 26.17 11.32
C SER H 58 15.12 26.11 10.33
N ILE H 59 14.03 26.83 10.59
CA ILE H 59 12.92 26.86 9.64
C ILE H 59 13.32 27.65 8.40
N MET H 60 14.04 28.76 8.57
CA MET H 60 14.47 29.49 7.37
C MET H 60 15.58 28.75 6.64
N ASN H 61 16.41 28.02 7.38
CA ASN H 61 17.38 27.13 6.77
C ASN H 61 16.69 26.09 5.89
N SER H 62 15.64 25.46 6.40
CA SER H 62 14.95 24.45 5.61
C SER H 62 14.15 25.08 4.49
N PHE H 63 13.72 26.33 4.66
CA PHE H 63 12.99 26.99 3.59
C PHE H 63 13.90 27.32 2.43
N VAL H 64 15.11 27.81 2.74
CA VAL H 64 16.06 28.11 1.69
C VAL H 64 16.48 26.83 0.99
N ASN H 65 16.65 25.74 1.75
CA ASN H 65 17.01 24.46 1.15
C ASN H 65 15.89 23.91 0.28
N ASP H 66 14.64 24.10 0.70
CA ASP H 66 13.53 23.55 -0.08
C ASP H 66 13.28 24.36 -1.33
N VAL H 67 13.42 25.68 -1.26
CA VAL H 67 13.23 26.49 -2.45
C VAL H 67 14.39 26.28 -3.42
N PHE H 68 15.58 26.03 -2.89
CA PHE H 68 16.71 25.74 -3.76
C PHE H 68 16.53 24.39 -4.43
N GLU H 69 15.98 23.41 -3.72
CA GLU H 69 15.75 22.13 -4.36
C GLU H 69 14.61 22.17 -5.36
N ARG H 70 13.59 23.01 -5.13
CA ARG H 70 12.53 23.12 -6.12
C ARG H 70 13.03 23.80 -7.39
N ILE H 71 13.80 24.89 -7.24
CA ILE H 71 14.25 25.64 -8.40
C ILE H 71 15.31 24.86 -9.16
N ALA H 72 16.19 24.16 -8.45
CA ALA H 72 17.17 23.34 -9.16
C ALA H 72 16.54 22.08 -9.73
N GLY H 73 15.47 21.57 -9.13
CA GLY H 73 14.82 20.42 -9.71
C GLY H 73 14.09 20.78 -10.99
N GLU H 74 13.38 21.90 -10.99
CA GLU H 74 12.73 22.35 -12.21
C GLU H 74 13.75 22.80 -13.25
N ALA H 75 14.91 23.26 -12.81
CA ALA H 75 15.94 23.62 -13.77
C ALA H 75 16.60 22.41 -14.38
N SER H 76 16.74 21.33 -13.61
CA SER H 76 17.31 20.13 -14.19
C SER H 76 16.33 19.47 -15.16
N ARG H 77 15.05 19.50 -14.81
CA ARG H 77 14.05 18.96 -15.73
C ARG H 77 13.95 19.82 -16.99
N LEU H 78 14.09 21.14 -16.85
CA LEU H 78 14.05 22.01 -18.02
C LEU H 78 15.26 21.84 -18.90
N ALA H 79 16.43 21.61 -18.28
CA ALA H 79 17.61 21.43 -19.09
C ALA H 79 17.68 20.02 -19.66
N HIS H 80 16.87 19.11 -19.16
CA HIS H 80 16.86 17.78 -19.75
C HIS H 80 15.77 17.66 -20.82
N TYR H 81 14.69 18.44 -20.70
CA TYR H 81 13.54 18.25 -21.58
C TYR H 81 13.82 18.76 -22.98
N ASN H 82 14.81 19.64 -23.14
CA ASN H 82 15.21 20.10 -24.46
C ASN H 82 16.43 19.40 -24.98
N LYS H 83 16.85 18.32 -24.32
CA LYS H 83 18.10 17.62 -24.59
C LYS H 83 19.31 18.55 -24.56
N ARG H 84 19.30 19.46 -23.59
CA ARG H 84 20.46 20.26 -23.25
C ARG H 84 21.24 19.54 -22.17
N SER H 85 22.32 20.16 -21.71
CA SER H 85 23.11 19.53 -20.68
C SER H 85 23.47 20.47 -19.57
N THR H 86 23.07 21.73 -19.65
CA THR H 86 23.56 22.73 -18.71
C THR H 86 22.42 23.52 -18.07
N ILE H 87 22.59 23.80 -16.79
CA ILE H 87 21.72 24.73 -16.08
C ILE H 87 22.27 26.12 -16.31
N THR H 88 21.78 26.83 -17.31
CA THR H 88 22.24 28.20 -17.50
C THR H 88 21.38 29.13 -16.64
N SER H 89 21.58 30.42 -16.84
CA SER H 89 20.71 31.37 -16.16
C SER H 89 19.33 31.39 -16.79
N ARG H 90 19.23 31.02 -18.06
CA ARG H 90 17.93 30.94 -18.72
C ARG H 90 17.06 29.88 -18.08
N GLU H 91 17.63 28.73 -17.72
CA GLU H 91 16.86 27.67 -17.09
C GLU H 91 16.44 28.04 -15.68
N ILE H 92 17.29 28.72 -14.92
CA ILE H 92 16.88 29.14 -13.58
C ILE H 92 15.82 30.22 -13.68
N GLN H 93 15.88 31.06 -14.70
CA GLN H 93 14.84 32.07 -14.89
C GLN H 93 13.50 31.43 -15.21
N THR H 94 13.52 30.43 -16.09
CA THR H 94 12.26 29.76 -16.41
C THR H 94 11.75 28.94 -15.23
N ALA H 95 12.64 28.37 -14.44
CA ALA H 95 12.20 27.61 -13.27
C ALA H 95 11.57 28.52 -12.21
N VAL H 96 12.14 29.71 -12.04
CA VAL H 96 11.58 30.66 -11.08
C VAL H 96 10.26 31.22 -11.62
N ARG H 97 10.15 31.34 -12.94
CA ARG H 97 8.87 31.75 -13.51
C ARG H 97 7.81 30.68 -13.37
N LEU H 98 8.22 29.42 -13.24
CA LEU H 98 7.26 28.33 -13.14
C LEU H 98 6.82 28.11 -11.70
N LEU H 99 7.74 28.18 -10.75
CA LEU H 99 7.40 27.80 -9.39
C LEU H 99 6.69 28.91 -8.63
N LEU H 100 7.30 30.05 -8.51
CA LEU H 100 6.75 31.13 -7.70
C LEU H 100 5.56 31.74 -8.41
N PRO H 101 4.50 32.08 -7.71
CA PRO H 101 3.29 32.56 -8.41
C PRO H 101 3.28 34.05 -8.61
N GLY H 102 3.14 34.47 -9.87
CA GLY H 102 2.70 35.82 -10.17
C GLY H 102 3.69 36.90 -9.81
N GLU H 103 3.33 37.69 -8.78
CA GLU H 103 4.13 38.85 -8.41
C GLU H 103 5.46 38.44 -7.82
N LEU H 104 5.51 37.29 -7.12
CA LEU H 104 6.79 36.77 -6.65
C LEU H 104 7.66 36.38 -7.83
N ALA H 105 7.07 35.88 -8.90
CA ALA H 105 7.86 35.51 -10.07
C ALA H 105 8.41 36.74 -10.75
N LYS H 106 7.59 37.78 -10.91
CA LYS H 106 8.05 39.02 -11.54
C LYS H 106 9.17 39.67 -10.74
N HIS H 107 8.98 39.82 -9.43
CA HIS H 107 9.99 40.45 -8.60
C HIS H 107 11.24 39.59 -8.50
N ALA H 108 11.10 38.27 -8.51
CA ALA H 108 12.26 37.40 -8.36
C ALA H 108 13.08 37.37 -9.63
N VAL H 109 12.45 37.35 -10.81
CA VAL H 109 13.26 37.38 -12.02
C VAL H 109 13.84 38.77 -12.24
N SER H 110 13.20 39.83 -11.72
CA SER H 110 13.82 41.14 -11.82
C SER H 110 15.05 41.23 -10.92
N GLU H 111 14.94 40.72 -9.70
CA GLU H 111 16.09 40.67 -8.79
C GLU H 111 17.20 39.81 -9.35
N GLY H 112 16.84 38.70 -9.98
CA GLY H 112 17.84 37.81 -10.52
C GLY H 112 18.56 38.38 -11.73
N THR H 113 17.82 39.04 -12.62
CA THR H 113 18.50 39.57 -13.80
C THR H 113 19.29 40.81 -13.43
N LYS H 114 18.86 41.55 -12.40
CA LYS H 114 19.67 42.64 -11.88
C LYS H 114 20.96 42.12 -11.27
N ALA H 115 20.90 41.02 -10.55
CA ALA H 115 22.12 40.51 -9.92
C ALA H 115 23.04 39.84 -10.94
N VAL H 116 22.49 39.24 -11.99
CA VAL H 116 23.40 38.61 -12.95
C VAL H 116 24.04 39.68 -13.84
N THR H 117 23.36 40.81 -14.06
CA THR H 117 24.01 41.89 -14.79
C THR H 117 25.03 42.61 -13.92
N CYS H 118 24.72 42.80 -12.64
CA CYS H 118 25.69 43.39 -11.71
C CYS H 118 26.89 42.47 -11.52
N TYR H 119 26.70 41.17 -11.71
CA TYR H 119 27.84 40.26 -11.65
C TYR H 119 28.65 40.34 -12.94
N THR H 120 27.99 40.24 -14.09
CA THR H 120 28.75 40.08 -15.32
C THR H 120 29.34 41.39 -15.82
N SER H 121 28.87 42.54 -15.33
CA SER H 121 29.50 43.79 -15.73
C SER H 121 30.83 44.00 -15.01
N ALA H 122 30.90 43.57 -13.76
CA ALA H 122 32.12 43.68 -12.98
C ALA H 122 33.08 42.55 -13.30
N LEU K 4 -4.82 -32.43 52.01
CA LEU K 4 -5.81 -33.36 51.50
C LEU K 4 -5.70 -33.48 49.98
N GLU K 5 -6.76 -33.96 49.33
CA GLU K 5 -6.70 -34.28 47.91
C GLU K 5 -8.10 -34.29 47.34
N LEU K 6 -8.20 -34.55 46.03
CA LEU K 6 -9.47 -34.75 45.35
C LEU K 6 -9.27 -35.64 44.15
N ARG K 7 -9.93 -36.79 44.12
CA ARG K 7 -9.71 -37.78 43.08
C ARG K 7 -11.04 -38.28 42.53
N LEU K 8 -11.11 -38.41 41.21
CA LEU K 8 -12.17 -39.19 40.57
C LEU K 8 -11.56 -40.04 39.47
N LYS K 9 -11.88 -41.32 39.48
CA LYS K 9 -11.39 -42.25 38.48
C LYS K 9 -12.25 -42.13 37.22
N SER K 10 -11.76 -42.69 36.11
CA SER K 10 -12.38 -42.77 34.79
C SER K 10 -13.76 -43.43 34.88
N PRO K 11 -14.65 -43.16 33.92
CA PRO K 11 -15.91 -43.93 33.85
C PRO K 11 -15.72 -45.37 33.41
N VAL K 12 -14.55 -45.75 32.92
CA VAL K 12 -14.25 -47.12 32.54
C VAL K 12 -13.31 -47.79 33.55
N GLY K 13 -12.49 -46.99 34.25
CA GLY K 13 -11.58 -47.53 35.23
C GLY K 13 -10.11 -47.45 34.88
N ALA K 14 -9.65 -46.31 34.38
CA ALA K 14 -8.23 -46.10 34.10
C ALA K 14 -7.50 -45.68 35.38
N GLU K 15 -6.29 -45.17 35.18
CA GLU K 15 -5.56 -44.51 36.25
C GLU K 15 -6.34 -43.30 36.75
N PRO K 16 -6.49 -43.13 38.07
CA PRO K 16 -7.48 -42.17 38.58
C PRO K 16 -7.01 -40.73 38.48
N ALA K 17 -7.95 -39.85 38.18
CA ALA K 17 -7.69 -38.42 38.06
C ALA K 17 -7.45 -37.82 39.44
N VAL K 18 -6.31 -37.16 39.60
CA VAL K 18 -5.87 -36.61 40.88
C VAL K 18 -5.87 -35.08 40.79
N TYR K 19 -6.13 -34.44 41.94
CA TYR K 19 -6.18 -32.99 42.05
C TYR K 19 -5.71 -32.59 43.45
N PRO K 20 -4.86 -31.58 43.58
CA PRO K 20 -4.44 -31.16 44.92
C PRO K 20 -5.50 -30.34 45.64
N TRP K 21 -5.51 -30.38 46.96
CA TRP K 21 -6.36 -29.52 47.77
C TRP K 21 -5.99 -28.03 47.65
N PRO K 22 -4.69 -27.63 47.47
CA PRO K 22 -4.43 -26.26 46.98
C PRO K 22 -5.07 -25.94 45.64
N LEU K 23 -5.50 -24.69 45.48
CA LEU K 23 -6.27 -24.22 44.34
C LEU K 23 -5.38 -24.01 43.12
N PRO K 24 -5.68 -24.64 41.99
CA PRO K 24 -5.03 -24.24 40.73
C PRO K 24 -5.78 -23.07 40.09
N VAL K 25 -5.10 -21.93 40.01
CA VAL K 25 -5.57 -20.82 39.20
C VAL K 25 -4.55 -20.57 38.09
N TYR K 26 -5.03 -20.51 36.85
CA TYR K 26 -4.13 -20.46 35.69
C TYR K 26 -4.24 -19.17 34.90
N ASP K 27 -5.41 -18.86 34.37
CA ASP K 27 -5.55 -17.86 33.31
C ASP K 27 -6.72 -16.94 33.65
N LYS K 28 -7.10 -16.13 32.66
CA LYS K 28 -8.29 -15.31 32.75
C LYS K 28 -9.56 -16.14 32.85
N HIS K 29 -9.65 -17.23 32.08
CA HIS K 29 -10.91 -17.93 31.91
C HIS K 29 -10.83 -19.41 32.32
N HIS K 30 -9.68 -19.87 32.81
CA HIS K 30 -9.51 -21.28 33.08
C HIS K 30 -9.24 -21.51 34.57
N ASP K 31 -10.24 -22.04 35.26
CA ASP K 31 -10.11 -22.40 36.67
C ASP K 31 -10.35 -23.90 36.81
N ALA K 32 -9.99 -24.43 37.99
CA ALA K 32 -10.06 -25.87 38.21
C ALA K 32 -11.47 -26.33 38.55
N ALA K 33 -12.27 -25.44 39.18
CA ALA K 33 -13.65 -25.78 39.49
C ALA K 33 -14.48 -25.93 38.21
N HIS K 34 -14.35 -24.96 37.29
CA HIS K 34 -14.97 -25.08 35.98
C HIS K 34 -14.40 -26.25 35.19
N GLU K 35 -13.13 -26.60 35.43
CA GLU K 35 -12.51 -27.76 34.78
C GLU K 35 -13.19 -29.05 35.21
N ILE K 36 -13.37 -29.24 36.52
CA ILE K 36 -14.02 -30.45 37.02
C ILE K 36 -15.49 -30.45 36.64
N ILE K 37 -16.11 -29.26 36.58
CA ILE K 37 -17.52 -29.14 36.15
C ILE K 37 -17.70 -29.58 34.70
N GLU K 38 -16.84 -29.10 33.81
CA GLU K 38 -16.97 -29.43 32.40
C GLU K 38 -16.56 -30.86 32.12
N THR K 39 -15.56 -31.37 32.84
CA THR K 39 -15.16 -32.76 32.68
C THR K 39 -16.24 -33.72 33.17
N ILE K 40 -16.86 -33.40 34.32
CA ILE K 40 -17.96 -34.20 34.84
C ILE K 40 -19.15 -34.14 33.88
N ARG K 41 -19.43 -32.98 33.30
CA ARG K 41 -20.57 -32.87 32.40
C ARG K 41 -20.32 -33.59 31.07
N TRP K 42 -19.07 -33.65 30.62
CA TRP K 42 -18.84 -34.36 29.37
C TRP K 42 -18.74 -35.87 29.57
N VAL K 43 -18.28 -36.32 30.75
CA VAL K 43 -18.41 -37.72 31.11
C VAL K 43 -19.90 -38.07 31.29
N CYS K 44 -20.70 -37.11 31.75
CA CYS K 44 -22.15 -37.28 31.82
C CYS K 44 -22.78 -37.41 30.44
N GLU K 45 -22.34 -36.60 29.48
CA GLU K 45 -22.94 -36.63 28.16
C GLU K 45 -22.46 -37.82 27.34
N GLU K 46 -21.34 -38.42 27.71
CA GLU K 46 -20.85 -39.56 26.92
C GLU K 46 -21.69 -40.82 27.15
N ILE K 47 -22.06 -41.13 28.39
CA ILE K 47 -22.88 -42.30 28.66
C ILE K 47 -24.26 -41.85 29.12
N PRO K 48 -25.35 -42.34 28.51
CA PRO K 48 -26.69 -41.91 28.95
C PRO K 48 -27.10 -42.46 30.31
N ASP K 49 -26.55 -43.61 30.69
CA ASP K 49 -26.87 -44.20 31.99
C ASP K 49 -26.31 -43.37 33.13
N LEU K 50 -25.25 -42.61 32.86
CA LEU K 50 -24.61 -41.83 33.91
C LEU K 50 -25.48 -40.65 34.34
N LYS K 51 -25.97 -39.88 33.37
CA LYS K 51 -26.94 -38.82 33.70
C LYS K 51 -28.32 -39.40 34.02
N LEU K 52 -28.56 -40.66 33.65
CA LEU K 52 -29.76 -41.34 34.15
C LEU K 52 -29.67 -41.59 35.65
N ALA K 53 -28.49 -41.96 36.14
CA ALA K 53 -28.32 -42.30 37.55
C ALA K 53 -28.02 -41.10 38.44
N MET K 54 -27.29 -40.10 37.94
CA MET K 54 -26.82 -39.02 38.79
C MET K 54 -27.58 -37.71 38.59
N GLU K 55 -28.90 -37.77 38.41
CA GLU K 55 -29.71 -36.55 38.48
C GLU K 55 -29.99 -36.17 39.93
N ASN K 56 -29.54 -36.99 40.88
CA ASN K 56 -30.03 -37.00 42.25
C ASN K 56 -29.62 -35.79 43.07
N TYR K 57 -30.52 -34.78 43.13
CA TYR K 57 -30.63 -33.83 44.23
C TYR K 57 -29.45 -32.89 44.44
N VAL K 58 -28.56 -32.74 43.46
CA VAL K 58 -27.46 -31.78 43.55
C VAL K 58 -27.73 -30.56 42.68
N LEU K 59 -28.23 -29.49 43.28
CA LEU K 59 -28.52 -28.25 42.57
C LEU K 59 -27.47 -27.17 42.82
N ILE K 60 -27.88 -25.92 42.57
CA ILE K 60 -27.05 -24.73 42.38
C ILE K 60 -26.02 -24.47 43.49
N ASP K 61 -26.33 -24.86 44.73
CA ASP K 61 -25.52 -24.46 45.87
C ASP K 61 -24.19 -25.22 45.92
N TYR K 62 -23.22 -24.75 45.13
CA TYR K 62 -21.83 -25.19 45.22
C TYR K 62 -20.93 -24.07 44.72
N ASP K 63 -19.84 -23.84 45.44
CA ASP K 63 -18.97 -22.68 45.23
C ASP K 63 -17.54 -23.18 45.17
N THR K 64 -16.65 -22.38 44.54
CA THR K 64 -15.29 -22.75 44.17
C THR K 64 -14.41 -23.21 45.33
N LYS K 65 -14.25 -22.37 46.36
CA LYS K 65 -13.28 -22.68 47.40
C LYS K 65 -13.86 -23.60 48.47
N SER K 66 -15.19 -23.64 48.60
CA SER K 66 -15.82 -24.54 49.55
C SER K 66 -15.62 -25.98 49.12
N PHE K 67 -14.69 -26.66 49.78
CA PHE K 67 -14.14 -27.90 49.23
C PHE K 67 -14.89 -29.12 49.72
N GLU K 68 -15.64 -29.00 50.81
CA GLU K 68 -16.30 -30.16 51.40
C GLU K 68 -17.53 -30.58 50.60
N SER K 69 -18.23 -29.63 49.99
CA SER K 69 -19.32 -30.00 49.08
C SER K 69 -18.78 -30.63 47.80
N MET K 70 -17.59 -30.22 47.36
CA MET K 70 -16.87 -30.88 46.29
C MET K 70 -16.50 -32.31 46.67
N GLN K 71 -16.05 -32.50 47.92
CA GLN K 71 -15.73 -33.84 48.42
C GLN K 71 -16.97 -34.72 48.49
N ARG K 72 -18.09 -34.19 48.97
CA ARG K 72 -19.35 -34.92 49.00
C ARG K 72 -19.82 -35.30 47.60
N LEU K 73 -19.80 -34.36 46.66
CA LEU K 73 -20.28 -34.62 45.30
C LEU K 73 -19.36 -35.60 44.58
N CYS K 74 -18.04 -35.48 44.79
CA CYS K 74 -17.12 -36.42 44.16
C CYS K 74 -17.15 -37.78 44.84
N ASP K 75 -17.53 -37.83 46.12
CA ASP K 75 -17.71 -39.11 46.78
C ASP K 75 -18.98 -39.80 46.31
N LYS K 76 -20.04 -39.02 46.07
CA LYS K 76 -21.23 -39.49 45.36
C LYS K 76 -20.85 -40.07 44.00
N TYR K 77 -20.01 -39.36 43.25
CA TYR K 77 -19.59 -39.84 41.94
C TYR K 77 -18.69 -41.07 42.04
N ASN K 78 -17.90 -41.18 43.12
CA ASN K 78 -17.02 -42.34 43.27
C ASN K 78 -17.80 -43.59 43.63
N ARG K 79 -18.75 -43.48 44.57
CA ARG K 79 -19.70 -44.54 44.84
C ARG K 79 -20.47 -44.91 43.59
N ALA K 80 -20.85 -43.91 42.79
CA ALA K 80 -21.57 -44.16 41.55
C ALA K 80 -20.71 -44.95 40.56
N ILE K 81 -19.43 -44.57 40.43
CA ILE K 81 -18.51 -45.22 39.49
C ILE K 81 -18.31 -46.68 39.86
N ASP K 82 -18.09 -46.94 41.15
CA ASP K 82 -17.93 -48.32 41.62
C ASP K 82 -19.22 -49.11 41.46
N SER K 83 -20.37 -48.48 41.72
CA SER K 83 -21.64 -49.21 41.66
C SER K 83 -22.05 -49.51 40.23
N ILE K 84 -21.85 -48.58 39.29
CA ILE K 84 -22.20 -48.90 37.92
C ILE K 84 -21.12 -49.77 37.29
N HIS K 85 -19.92 -49.81 37.88
CA HIS K 85 -18.99 -50.87 37.51
C HIS K 85 -19.50 -52.25 37.94
N GLN K 86 -20.15 -52.34 39.11
CA GLN K 86 -20.75 -53.62 39.49
C GLN K 86 -21.97 -53.94 38.61
N LEU K 87 -22.67 -52.91 38.12
CA LEU K 87 -23.71 -53.14 37.13
C LEU K 87 -23.13 -53.52 35.78
N TRP K 88 -21.90 -53.09 35.50
CA TRP K 88 -21.19 -53.48 34.29
C TRP K 88 -20.64 -54.90 34.38
N LYS K 89 -20.37 -55.39 35.60
CA LYS K 89 -19.80 -56.72 35.80
C LYS K 89 -20.78 -57.85 35.49
N GLY K 90 -22.08 -57.56 35.37
CA GLY K 90 -23.04 -58.61 35.13
C GLY K 90 -23.16 -59.01 33.67
N THR K 91 -24.38 -59.33 33.25
CA THR K 91 -24.67 -59.68 31.86
C THR K 91 -24.80 -58.42 31.00
N THR K 92 -25.15 -57.29 31.63
CA THR K 92 -25.37 -56.01 30.98
C THR K 92 -24.14 -55.48 30.25
N GLN K 93 -24.29 -55.12 28.99
CA GLN K 93 -23.17 -54.65 28.18
C GLN K 93 -22.98 -53.14 28.40
N PRO K 94 -21.74 -52.66 28.45
CA PRO K 94 -21.53 -51.20 28.54
C PRO K 94 -21.43 -50.58 27.15
N MET K 95 -21.10 -49.29 27.12
CA MET K 95 -20.73 -48.63 25.88
C MET K 95 -19.27 -48.95 25.56
N LYS K 96 -19.01 -49.33 24.31
CA LYS K 96 -17.69 -49.84 23.95
C LYS K 96 -16.64 -48.72 23.91
N LEU K 97 -15.49 -48.99 24.53
CA LEU K 97 -14.37 -48.05 24.63
C LEU K 97 -13.82 -47.62 23.28
N ASN K 98 -13.90 -48.44 22.24
CA ASN K 98 -13.24 -48.16 20.96
C ASN K 98 -14.16 -47.46 19.97
N THR K 99 -15.10 -46.66 20.46
CA THR K 99 -15.93 -45.86 19.59
C THR K 99 -15.31 -44.47 19.39
N ARG K 100 -15.86 -43.74 18.43
CA ARG K 100 -15.32 -42.43 18.11
C ARG K 100 -16.08 -41.34 18.86
N PRO K 101 -15.36 -40.32 19.33
CA PRO K 101 -15.96 -39.36 20.28
C PRO K 101 -16.79 -38.29 19.58
N SER K 102 -17.24 -37.34 20.40
CA SER K 102 -18.06 -36.22 19.92
C SER K 102 -17.18 -35.03 19.55
N THR K 103 -17.81 -33.87 19.37
CA THR K 103 -17.09 -32.68 18.94
C THR K 103 -16.74 -31.78 20.12
N GLY K 104 -17.73 -31.44 20.95
CA GLY K 104 -17.43 -30.70 22.17
C GLY K 104 -16.64 -31.52 23.18
N LEU K 105 -16.76 -32.85 23.10
CA LEU K 105 -15.94 -33.74 23.90
C LEU K 105 -14.47 -33.56 23.58
N LEU K 106 -14.12 -33.53 22.28
CA LEU K 106 -12.73 -33.31 21.90
C LEU K 106 -12.30 -31.87 22.16
N ARG K 107 -13.25 -30.94 22.07
CA ARG K 107 -12.96 -29.53 22.36
C ARG K 107 -12.51 -29.35 23.80
N HIS K 108 -13.28 -29.89 24.76
CA HIS K 108 -12.85 -29.72 26.13
C HIS K 108 -11.81 -30.75 26.54
N ILE K 109 -11.61 -31.82 25.77
CA ILE K 109 -10.47 -32.70 26.08
C ILE K 109 -9.18 -31.99 25.68
N LEU K 110 -9.24 -31.15 24.64
CA LEU K 110 -8.07 -30.41 24.24
C LEU K 110 -7.84 -29.25 25.18
N GLN K 111 -8.93 -28.65 25.68
CA GLN K 111 -8.80 -27.63 26.71
C GLN K 111 -8.37 -28.23 28.05
N GLN K 112 -8.64 -29.52 28.26
CA GLN K 112 -8.11 -30.20 29.44
C GLN K 112 -6.60 -30.37 29.35
N VAL K 113 -6.10 -30.70 28.16
CA VAL K 113 -4.64 -30.76 27.99
C VAL K 113 -4.02 -29.37 28.07
N TYR K 114 -4.75 -28.36 27.58
CA TYR K 114 -4.36 -26.96 27.72
C TYR K 114 -4.26 -26.56 29.19
N ASN K 115 -5.20 -27.04 30.00
CA ASN K 115 -5.12 -26.82 31.44
C ASN K 115 -3.94 -27.55 32.06
N HIS K 116 -3.91 -28.87 31.93
CA HIS K 116 -3.02 -29.72 32.70
C HIS K 116 -1.58 -29.75 32.20
N SER K 117 -1.26 -29.05 31.11
CA SER K 117 0.13 -28.96 30.70
C SER K 117 0.69 -27.54 30.71
N VAL K 118 -0.03 -26.58 30.15
CA VAL K 118 0.46 -25.18 30.12
C VAL K 118 -0.21 -24.47 31.30
N THR K 119 0.62 -23.89 32.17
CA THR K 119 0.11 -23.09 33.28
C THR K 119 0.35 -21.60 33.04
N ASP K 120 1.46 -21.26 32.40
CA ASP K 120 1.87 -19.87 32.18
C ASP K 120 1.99 -19.60 30.68
N PRO K 121 0.93 -19.12 30.03
CA PRO K 121 0.98 -18.92 28.57
C PRO K 121 1.71 -17.66 28.14
N GLU K 122 1.88 -16.68 29.03
CA GLU K 122 2.51 -15.43 28.61
C GLU K 122 4.03 -15.57 28.54
N LYS K 123 4.58 -16.65 29.11
CA LYS K 123 5.95 -17.05 28.79
C LYS K 123 6.09 -17.46 27.33
N LEU K 124 4.97 -17.80 26.68
CA LEU K 124 4.90 -17.99 25.24
C LEU K 124 5.11 -16.70 24.46
N ASN K 125 5.09 -15.54 25.14
CA ASN K 125 5.27 -14.23 24.54
C ASN K 125 6.70 -13.94 24.11
N ASN K 126 7.66 -14.78 24.51
CA ASN K 126 9.10 -14.49 24.38
C ASN K 126 9.55 -14.61 22.92
N TYR K 127 9.14 -13.64 22.12
CA TYR K 127 9.45 -13.65 20.70
C TYR K 127 9.61 -12.23 20.16
N TYR K 135 3.74 -16.05 16.93
CA TYR K 135 2.89 -17.09 17.52
C TYR K 135 1.63 -16.61 18.24
N GLY K 136 0.51 -17.28 17.97
CA GLY K 136 -0.75 -16.99 18.61
C GLY K 136 -1.54 -18.25 18.94
N GLU K 137 -2.86 -18.10 19.13
CA GLU K 137 -3.73 -19.22 19.46
C GLU K 137 -4.60 -19.57 18.26
N THR K 138 -4.68 -20.86 17.94
CA THR K 138 -5.64 -21.36 16.98
C THR K 138 -6.77 -22.07 17.69
N SER K 139 -7.99 -21.57 17.51
CA SER K 139 -9.16 -22.19 18.12
C SER K 139 -9.50 -23.50 17.42
N PHE K 140 -10.27 -24.33 18.10
CA PHE K 140 -10.54 -25.68 17.59
C PHE K 140 -11.79 -25.68 16.71
N ASP K 141 -12.58 -24.60 16.76
CA ASP K 141 -13.73 -24.49 15.86
C ASP K 141 -13.28 -24.18 14.44
N LEU K 142 -12.12 -23.53 14.29
CA LEU K 142 -11.53 -23.32 12.98
C LEU K 142 -11.19 -24.65 12.30
N VAL K 143 -10.49 -25.53 13.01
CA VAL K 143 -10.12 -26.80 12.40
C VAL K 143 -11.33 -27.74 12.40
N ALA K 144 -12.33 -27.45 13.23
CA ALA K 144 -13.59 -28.18 13.15
C ALA K 144 -14.35 -27.87 11.86
N GLN K 145 -14.44 -26.60 11.48
CA GLN K 145 -15.08 -26.28 10.21
C GLN K 145 -14.19 -26.66 9.03
N MET K 146 -12.87 -26.75 9.25
CA MET K 146 -12.01 -27.38 8.25
C MET K 146 -12.35 -28.85 8.05
N ILE K 147 -12.61 -29.57 9.15
CA ILE K 147 -13.01 -30.97 9.07
C ILE K 147 -14.39 -31.09 8.41
N ASP K 148 -15.24 -30.09 8.64
CA ASP K 148 -16.46 -29.94 7.85
C ASP K 148 -16.17 -29.71 6.36
N GLU K 149 -15.01 -29.12 6.04
CA GLU K 149 -14.66 -28.89 4.64
C GLU K 149 -13.79 -30.01 4.07
N ILE K 150 -12.81 -30.50 4.82
CA ILE K 150 -11.81 -31.44 4.27
C ILE K 150 -12.37 -32.85 4.44
N LYS K 151 -12.19 -33.65 3.38
CA LYS K 151 -12.57 -35.06 3.42
C LYS K 151 -11.33 -35.92 3.16
N MET K 152 -11.08 -36.86 4.07
CA MET K 152 -9.80 -37.54 4.12
C MET K 152 -10.00 -39.03 4.38
N THR K 153 -8.90 -39.77 4.23
CA THR K 153 -8.89 -41.22 4.26
C THR K 153 -7.83 -41.70 5.25
N ASP K 154 -7.53 -43.00 5.19
CA ASP K 154 -6.47 -43.60 5.99
C ASP K 154 -5.10 -43.57 5.30
N ASP K 155 -5.06 -43.58 3.97
CA ASP K 155 -3.80 -43.75 3.25
C ASP K 155 -3.01 -42.45 3.12
N ASP K 156 -3.63 -41.30 3.33
CA ASP K 156 -2.88 -40.05 3.31
C ASP K 156 -2.21 -39.79 4.65
N LEU K 157 -1.40 -38.74 4.69
CA LEU K 157 -0.67 -38.35 5.88
C LEU K 157 -0.99 -36.91 6.22
N PHE K 158 -1.33 -36.65 7.47
CA PHE K 158 -1.58 -35.31 7.98
C PHE K 158 -0.31 -34.75 8.62
N VAL K 159 -0.07 -33.46 8.40
CA VAL K 159 1.02 -32.75 9.05
C VAL K 159 0.65 -31.27 9.10
N ASP K 160 0.85 -30.65 10.26
CA ASP K 160 0.84 -29.20 10.37
C ASP K 160 2.28 -28.78 10.60
N LEU K 161 2.66 -27.64 10.07
CA LEU K 161 4.05 -27.18 10.14
C LEU K 161 4.10 -25.93 11.00
N GLY K 162 4.86 -25.99 12.08
CA GLY K 162 4.89 -24.92 13.07
C GLY K 162 3.77 -25.05 14.08
N SER K 163 3.64 -26.25 14.69
CA SER K 163 2.49 -26.61 15.51
C SER K 163 2.35 -25.81 16.80
N GLY K 164 3.42 -25.14 17.25
CA GLY K 164 3.33 -24.40 18.51
C GLY K 164 3.28 -25.37 19.66
N VAL K 165 2.18 -25.30 20.43
CA VAL K 165 1.96 -26.26 21.50
C VAL K 165 1.41 -27.58 20.98
N GLY K 166 1.02 -27.64 19.70
CA GLY K 166 0.60 -28.88 19.10
C GLY K 166 -0.82 -29.29 19.37
N GLN K 167 -1.72 -28.33 19.64
CA GLN K 167 -3.11 -28.64 19.97
C GLN K 167 -3.86 -29.25 18.80
N VAL K 168 -3.65 -28.73 17.59
CA VAL K 168 -4.42 -29.20 16.44
C VAL K 168 -3.92 -30.57 15.98
N VAL K 169 -2.67 -30.91 16.33
CA VAL K 169 -2.15 -32.25 16.09
C VAL K 169 -2.96 -33.28 16.88
N LEU K 170 -3.20 -33.00 18.16
CA LEU K 170 -4.01 -33.89 18.98
C LEU K 170 -5.46 -33.89 18.52
N GLN K 171 -5.93 -32.73 18.04
CA GLN K 171 -7.29 -32.62 17.49
C GLN K 171 -7.50 -33.55 16.31
N VAL K 172 -6.56 -33.54 15.35
CA VAL K 172 -6.69 -34.37 14.17
C VAL K 172 -6.42 -35.84 14.51
N ALA K 173 -5.46 -36.09 15.42
CA ALA K 173 -5.09 -37.46 15.75
C ALA K 173 -6.19 -38.18 16.52
N ALA K 174 -7.00 -37.44 17.30
CA ALA K 174 -8.12 -38.09 17.99
C ALA K 174 -9.43 -37.94 17.23
N ALA K 175 -9.53 -36.99 16.31
CA ALA K 175 -10.78 -36.71 15.63
C ALA K 175 -10.95 -37.48 14.33
N THR K 176 -9.91 -37.60 13.50
CA THR K 176 -10.02 -38.22 12.19
C THR K 176 -8.86 -39.21 12.03
N ASN K 177 -8.69 -39.77 10.83
CA ASN K 177 -8.03 -41.06 10.68
C ASN K 177 -6.87 -41.15 9.68
N CYS K 178 -5.92 -40.23 9.70
CA CYS K 178 -4.69 -40.51 8.95
C CYS K 178 -3.86 -41.57 9.66
N LYS K 179 -2.98 -42.20 8.88
CA LYS K 179 -2.08 -43.21 9.45
C LYS K 179 -1.05 -42.57 10.38
N HIS K 180 -0.43 -41.48 9.93
CA HIS K 180 0.57 -40.83 10.77
C HIS K 180 0.37 -39.32 10.72
N HIS K 181 0.03 -38.75 11.87
CA HIS K 181 -0.10 -37.31 12.03
C HIS K 181 1.20 -36.79 12.63
N TYR K 182 1.73 -35.71 12.05
CA TYR K 182 2.91 -35.07 12.62
C TYR K 182 2.52 -33.74 13.21
N GLY K 183 3.43 -33.18 14.01
CA GLY K 183 3.44 -31.77 14.34
C GLY K 183 4.88 -31.35 14.53
N VAL K 184 5.25 -30.12 14.19
CA VAL K 184 6.63 -29.64 14.28
C VAL K 184 6.60 -28.29 14.98
N GLU K 185 7.65 -27.98 15.74
CA GLU K 185 7.80 -26.63 16.29
C GLU K 185 9.27 -26.31 16.59
N LYS K 186 9.73 -25.15 16.13
CA LYS K 186 11.15 -24.78 16.17
C LYS K 186 11.52 -23.93 17.38
N ALA K 187 10.63 -23.06 17.83
CA ALA K 187 10.93 -22.24 19.00
C ALA K 187 10.96 -23.12 20.25
N ASP K 188 11.81 -22.74 21.20
CA ASP K 188 12.13 -23.64 22.30
C ASP K 188 10.99 -23.76 23.29
N ILE K 189 10.31 -22.66 23.58
CA ILE K 189 9.25 -22.65 24.59
C ILE K 189 7.95 -23.39 24.18
N PRO K 190 7.33 -23.19 23.00
CA PRO K 190 6.10 -23.95 22.76
C PRO K 190 6.34 -25.41 22.39
N ALA K 191 7.48 -25.75 21.79
CA ALA K 191 7.83 -27.16 21.60
C ALA K 191 8.19 -27.82 22.93
N LYS K 192 8.91 -27.07 23.78
CA LYS K 192 9.18 -27.44 25.17
C LYS K 192 7.90 -27.81 25.91
N TYR K 193 6.86 -27.01 25.75
CA TYR K 193 5.60 -27.36 26.39
C TYR K 193 4.86 -28.43 25.59
N ALA K 194 5.17 -28.57 24.29
CA ALA K 194 4.42 -29.45 23.42
C ALA K 194 4.79 -30.92 23.60
N GLU K 195 6.04 -31.22 23.97
CA GLU K 195 6.34 -32.62 24.27
C GLU K 195 5.60 -33.09 25.53
N THR K 196 5.49 -32.20 26.52
CA THR K 196 4.68 -32.49 27.70
C THR K 196 3.20 -32.58 27.33
N MET K 197 2.74 -31.74 26.40
CA MET K 197 1.36 -31.86 25.92
C MET K 197 1.12 -33.19 25.21
N ASP K 198 2.13 -33.68 24.50
CA ASP K 198 2.04 -34.98 23.85
C ASP K 198 1.91 -36.11 24.88
N ARG K 199 2.75 -36.08 25.91
CA ARG K 199 2.71 -37.12 26.95
C ARG K 199 1.43 -37.06 27.77
N GLU K 200 1.01 -35.84 28.15
CA GLU K 200 -0.18 -35.71 28.97
C GLU K 200 -1.45 -35.96 28.15
N PHE K 201 -1.42 -35.68 26.85
CA PHE K 201 -2.56 -36.02 26.01
C PHE K 201 -2.64 -37.52 25.80
N ARG K 202 -1.49 -38.19 25.74
CA ARG K 202 -1.48 -39.65 25.75
C ARG K 202 -2.12 -40.20 27.01
N LYS K 203 -1.78 -39.62 28.16
CA LYS K 203 -2.34 -40.13 29.42
C LYS K 203 -3.81 -39.73 29.58
N TRP K 204 -4.22 -38.60 28.99
CA TRP K 204 -5.64 -38.24 29.05
C TRP K 204 -6.46 -39.03 28.05
N MET K 205 -5.83 -39.50 26.97
CA MET K 205 -6.51 -40.46 26.09
C MET K 205 -6.62 -41.82 26.77
N LYS K 206 -5.69 -42.13 27.66
CA LYS K 206 -5.86 -43.31 28.50
C LYS K 206 -6.97 -43.08 29.52
N TRP K 207 -7.11 -41.84 30.01
CA TRP K 207 -8.12 -41.56 31.03
C TRP K 207 -9.53 -41.63 30.45
N TYR K 208 -9.77 -40.93 29.34
CA TYR K 208 -11.06 -40.99 28.68
C TYR K 208 -11.29 -42.29 27.93
N GLY K 209 -10.24 -42.93 27.44
CA GLY K 209 -10.40 -44.17 26.71
C GLY K 209 -11.07 -44.01 25.36
N LYS K 210 -10.73 -42.98 24.60
CA LYS K 210 -11.23 -42.84 23.25
C LYS K 210 -10.09 -43.05 22.26
N LYS K 211 -10.45 -43.49 21.06
CA LYS K 211 -9.45 -43.98 20.11
C LYS K 211 -8.75 -42.83 19.40
N HIS K 212 -7.47 -43.05 19.10
CA HIS K 212 -6.62 -42.08 18.43
C HIS K 212 -5.46 -42.79 17.76
N ALA K 213 -5.11 -42.34 16.56
CA ALA K 213 -4.18 -43.05 15.71
C ALA K 213 -2.73 -42.65 16.01
N GLU K 214 -1.83 -43.06 15.12
CA GLU K 214 -0.40 -42.80 15.30
C GLU K 214 -0.06 -41.35 14.95
N TYR K 215 0.67 -40.70 15.85
CA TYR K 215 0.96 -39.27 15.72
C TYR K 215 2.19 -38.95 16.55
N THR K 216 2.84 -37.82 16.23
CA THR K 216 4.01 -37.38 16.97
C THR K 216 4.12 -35.87 16.99
N LEU K 217 4.80 -35.34 18.00
CA LEU K 217 5.14 -33.93 18.11
C LEU K 217 6.66 -33.79 18.15
N GLU K 218 7.22 -33.11 17.15
CA GLU K 218 8.65 -33.03 16.94
C GLU K 218 9.13 -31.59 16.97
N ARG K 219 10.45 -31.45 17.07
CA ARG K 219 11.11 -30.16 16.98
C ARG K 219 12.06 -30.17 15.79
N GLY K 220 11.97 -29.14 14.96
CA GLY K 220 12.93 -29.01 13.88
C GLY K 220 12.51 -27.92 12.92
N ASP K 221 13.43 -27.59 12.03
CA ASP K 221 13.18 -26.66 10.93
C ASP K 221 12.69 -27.47 9.74
N PHE K 222 11.43 -27.25 9.34
CA PHE K 222 10.80 -28.10 8.36
C PHE K 222 11.27 -27.86 6.92
N LEU K 223 12.31 -27.06 6.73
CA LEU K 223 12.96 -26.93 5.44
C LEU K 223 14.25 -27.74 5.34
N SER K 224 14.55 -28.56 6.34
CA SER K 224 15.76 -29.37 6.31
C SER K 224 15.64 -30.51 5.31
N GLU K 225 16.77 -31.19 5.09
CA GLU K 225 16.89 -32.09 3.95
C GLU K 225 16.08 -33.37 4.15
N GLU K 226 15.88 -33.76 5.41
CA GLU K 226 14.94 -34.84 5.69
C GLU K 226 13.51 -34.38 5.43
N TRP K 227 13.19 -33.17 5.89
CA TRP K 227 11.82 -32.67 5.81
C TRP K 227 11.39 -32.37 4.38
N ARG K 228 12.33 -32.16 3.46
CA ARG K 228 11.98 -31.90 2.06
C ARG K 228 11.25 -33.10 1.45
N GLU K 229 11.88 -34.27 1.47
CA GLU K 229 11.16 -35.44 0.98
C GLU K 229 10.10 -35.91 1.96
N ARG K 230 10.13 -35.44 3.23
CA ARG K 230 9.06 -35.81 4.14
C ARG K 230 7.74 -35.14 3.78
N ILE K 231 7.77 -33.84 3.44
CA ILE K 231 6.56 -33.21 2.93
C ILE K 231 6.27 -33.67 1.49
N ALA K 232 7.32 -34.08 0.76
CA ALA K 232 7.08 -34.69 -0.55
C ALA K 232 6.41 -36.06 -0.44
N ASN K 233 6.44 -36.67 0.74
CA ASN K 233 5.67 -37.88 0.99
C ASN K 233 4.20 -37.61 1.29
N THR K 234 3.90 -36.65 2.16
CA THR K 234 2.54 -36.50 2.68
C THR K 234 1.62 -35.84 1.68
N SER K 235 0.36 -35.68 2.06
CA SER K 235 -0.61 -34.99 1.22
C SER K 235 -1.40 -33.91 1.96
N VAL K 236 -1.59 -34.02 3.28
CA VAL K 236 -2.44 -33.08 3.99
C VAL K 236 -1.57 -32.20 4.86
N ILE K 237 -1.60 -30.88 4.64
CA ILE K 237 -0.70 -29.94 5.27
C ILE K 237 -1.49 -28.75 5.79
N PHE K 238 -1.21 -28.34 7.03
CA PHE K 238 -1.77 -27.11 7.59
C PHE K 238 -0.67 -26.18 8.10
N VAL K 239 -0.76 -24.90 7.73
CA VAL K 239 0.14 -23.87 8.23
C VAL K 239 -0.67 -22.63 8.58
N ASN K 240 -0.15 -21.79 9.48
CA ASN K 240 -0.68 -20.44 9.68
C ASN K 240 0.40 -19.46 9.23
N ASN K 241 0.35 -19.14 7.94
CA ASN K 241 1.45 -18.47 7.26
C ASN K 241 1.27 -16.96 7.17
N PHE K 242 0.62 -16.35 8.17
CA PHE K 242 0.48 -14.89 8.19
C PHE K 242 1.84 -14.22 8.36
N ALA K 243 2.69 -14.78 9.21
CA ALA K 243 4.00 -14.22 9.46
C ALA K 243 5.11 -15.26 9.45
N PHE K 244 5.20 -16.08 8.40
CA PHE K 244 6.38 -16.91 8.24
C PHE K 244 7.53 -16.10 7.64
N GLY K 245 7.20 -15.17 6.74
CA GLY K 245 8.20 -14.43 6.00
C GLY K 245 8.18 -14.83 4.54
N PRO K 246 8.93 -14.11 3.71
CA PRO K 246 8.92 -14.42 2.27
C PRO K 246 9.72 -15.65 1.92
N GLU K 247 10.90 -15.80 2.53
CA GLU K 247 11.84 -16.83 2.11
C GLU K 247 11.36 -18.21 2.55
N VAL K 248 10.76 -18.26 3.75
CA VAL K 248 10.14 -19.48 4.26
C VAL K 248 9.06 -19.97 3.31
N ASP K 249 8.20 -19.06 2.86
CA ASP K 249 7.09 -19.46 2.01
C ASP K 249 7.54 -19.82 0.61
N HIS K 250 8.55 -19.15 0.06
CA HIS K 250 9.01 -19.50 -1.27
C HIS K 250 9.76 -20.84 -1.28
N GLN K 251 10.60 -21.06 -0.28
CA GLN K 251 11.28 -22.34 -0.15
C GLN K 251 10.28 -23.47 0.09
N LEU K 252 9.20 -23.18 0.82
CA LEU K 252 8.15 -24.17 0.99
C LEU K 252 7.37 -24.39 -0.30
N LYS K 253 7.22 -23.36 -1.15
CA LYS K 253 6.56 -23.55 -2.44
C LYS K 253 7.36 -24.49 -3.34
N GLU K 254 8.67 -24.27 -3.42
CA GLU K 254 9.49 -25.18 -4.22
C GLU K 254 9.69 -26.52 -3.53
N ARG K 255 9.35 -26.62 -2.24
CA ARG K 255 9.21 -27.91 -1.59
C ARG K 255 7.92 -28.63 -1.94
N PHE K 256 6.77 -27.94 -1.91
CA PHE K 256 5.49 -28.59 -2.20
C PHE K 256 5.31 -28.88 -3.67
N ALA K 257 6.19 -28.35 -4.53
CA ALA K 257 6.18 -28.73 -5.95
C ALA K 257 6.36 -30.22 -6.18
N ASN K 258 6.99 -30.94 -5.25
CA ASN K 258 7.23 -32.38 -5.36
C ASN K 258 6.15 -33.21 -4.69
N MET K 259 4.92 -32.71 -4.65
CA MET K 259 3.83 -33.48 -4.05
C MET K 259 3.06 -34.25 -5.12
N LYS K 260 2.41 -35.32 -4.70
CA LYS K 260 1.56 -36.15 -5.54
C LYS K 260 0.24 -35.45 -5.86
N GLU K 261 -0.61 -36.17 -6.60
CA GLU K 261 -1.94 -35.68 -6.94
C GLU K 261 -2.79 -35.55 -5.68
N GLY K 262 -3.73 -34.59 -5.71
CA GLY K 262 -4.73 -34.45 -4.68
C GLY K 262 -4.24 -33.98 -3.33
N GLY K 263 -2.96 -33.65 -3.18
CA GLY K 263 -2.47 -33.16 -1.90
C GLY K 263 -3.04 -31.78 -1.60
N ARG K 264 -3.35 -31.55 -0.33
CA ARG K 264 -4.10 -30.36 0.05
C ARG K 264 -3.35 -29.57 1.10
N ILE K 265 -3.44 -28.24 0.96
CA ILE K 265 -2.79 -27.29 1.84
C ILE K 265 -3.89 -26.41 2.40
N VAL K 266 -3.82 -26.09 3.69
CA VAL K 266 -4.67 -25.06 4.28
C VAL K 266 -3.80 -24.06 5.01
N SER K 267 -4.06 -22.78 4.76
CA SER K 267 -3.17 -21.69 5.13
C SER K 267 -3.96 -20.39 5.23
N SER K 268 -3.40 -19.43 5.97
CA SER K 268 -4.02 -18.12 6.08
C SER K 268 -3.73 -17.22 4.89
N LYS K 269 -2.46 -16.87 4.66
CA LYS K 269 -2.06 -16.05 3.54
C LYS K 269 -1.98 -16.98 2.33
N PRO K 270 -2.81 -16.78 1.31
CA PRO K 270 -2.80 -17.72 0.17
C PRO K 270 -1.58 -17.53 -0.70
N PHE K 271 -0.94 -18.64 -1.05
CA PHE K 271 0.27 -18.63 -1.86
C PHE K 271 0.02 -18.18 -3.28
N ALA K 272 -1.18 -18.39 -3.80
CA ALA K 272 -1.59 -17.86 -5.09
C ALA K 272 -2.95 -17.20 -4.91
N PRO K 273 -3.12 -15.98 -5.37
CA PRO K 273 -4.43 -15.32 -5.25
C PRO K 273 -5.49 -16.02 -6.08
N LEU K 274 -6.73 -15.93 -5.61
CA LEU K 274 -7.79 -16.79 -6.10
C LEU K 274 -8.36 -16.35 -7.44
N ASN K 275 -7.86 -15.24 -7.99
CA ASN K 275 -8.18 -14.85 -9.36
C ASN K 275 -7.11 -15.30 -10.34
N PHE K 276 -6.43 -16.41 -10.04
CA PHE K 276 -5.26 -16.82 -10.82
C PHE K 276 -5.66 -17.36 -12.18
N ARG K 277 -4.90 -16.94 -13.19
CA ARG K 277 -4.98 -17.45 -14.54
C ARG K 277 -3.55 -17.69 -14.98
N ILE K 278 -3.25 -18.87 -15.53
CA ILE K 278 -1.87 -19.17 -15.82
C ILE K 278 -1.57 -18.81 -17.27
N ASN K 279 -0.37 -18.28 -17.50
CA ASN K 279 0.07 -17.84 -18.80
C ASN K 279 1.60 -17.86 -18.80
N SER K 280 2.21 -17.45 -19.91
CA SER K 280 3.59 -17.81 -20.18
C SER K 280 4.60 -17.01 -19.36
N ARG K 281 4.14 -16.17 -18.42
CA ARG K 281 5.05 -15.40 -17.59
C ARG K 281 5.30 -16.02 -16.23
N ASN K 282 4.27 -16.58 -15.60
CA ASN K 282 4.37 -17.04 -14.22
C ASN K 282 4.35 -18.56 -14.11
N LEU K 283 5.03 -19.25 -15.03
CA LEU K 283 5.10 -20.71 -14.97
C LEU K 283 5.90 -21.17 -13.75
N SER K 284 6.88 -20.38 -13.34
CA SER K 284 7.71 -20.72 -12.19
C SER K 284 6.95 -20.67 -10.87
N ASP K 285 5.83 -19.97 -10.82
CA ASP K 285 5.08 -19.85 -9.57
C ASP K 285 4.31 -21.14 -9.31
N ILE K 286 3.94 -21.33 -8.04
CA ILE K 286 3.21 -22.54 -7.64
C ILE K 286 1.73 -22.42 -8.02
N GLY K 287 1.30 -21.25 -8.48
CA GLY K 287 -0.07 -21.04 -8.92
C GLY K 287 -0.49 -21.83 -10.13
N THR K 288 0.47 -22.42 -10.86
CA THR K 288 0.15 -23.32 -11.94
C THR K 288 -0.26 -24.71 -11.46
N ILE K 289 -0.04 -25.02 -10.19
CA ILE K 289 -0.24 -26.35 -9.66
C ILE K 289 -1.51 -26.44 -8.82
N MET K 290 -1.92 -25.33 -8.21
CA MET K 290 -2.95 -25.43 -7.18
C MET K 290 -4.26 -24.87 -7.70
N ARG K 291 -5.35 -25.54 -7.34
CA ARG K 291 -6.65 -24.92 -7.33
C ARG K 291 -6.86 -24.31 -5.95
N VAL K 292 -7.46 -23.12 -5.92
CA VAL K 292 -7.64 -22.37 -4.69
C VAL K 292 -9.14 -22.21 -4.44
N VAL K 293 -9.61 -22.78 -3.33
CA VAL K 293 -10.98 -22.60 -2.91
C VAL K 293 -10.99 -21.87 -1.57
N GLU K 294 -12.13 -21.27 -1.25
CA GLU K 294 -12.28 -20.47 -0.04
C GLU K 294 -13.35 -21.10 0.85
N LEU K 295 -13.10 -21.09 2.15
CA LEU K 295 -14.00 -21.61 3.16
C LEU K 295 -14.79 -20.47 3.77
N SER K 296 -15.55 -20.77 4.83
CA SER K 296 -16.26 -19.76 5.63
C SER K 296 -16.22 -20.20 7.09
N PRO K 297 -15.21 -19.78 7.83
CA PRO K 297 -15.15 -20.08 9.28
C PRO K 297 -15.99 -19.11 10.09
N LEU K 298 -15.85 -19.17 11.42
CA LEU K 298 -16.46 -18.23 12.34
C LEU K 298 -16.07 -16.77 12.06
N LYS K 299 -14.87 -16.57 11.51
CA LYS K 299 -14.39 -15.27 11.00
C LYS K 299 -14.35 -14.20 12.10
N GLY K 300 -13.47 -14.42 13.07
CA GLY K 300 -13.36 -13.54 14.21
C GLY K 300 -11.96 -12.98 14.37
N SER K 301 -11.34 -13.27 15.52
CA SER K 301 -9.98 -12.84 15.87
C SER K 301 -9.82 -11.33 15.86
N VAL K 302 -10.64 -10.63 16.65
CA VAL K 302 -10.62 -9.18 16.73
C VAL K 302 -9.53 -8.71 17.70
N SER K 303 -8.71 -9.63 18.18
CA SER K 303 -7.66 -9.34 19.14
C SER K 303 -6.45 -8.64 18.52
N TRP K 304 -6.11 -8.94 17.27
CA TRP K 304 -4.93 -8.29 16.70
C TRP K 304 -5.24 -7.38 15.51
N THR K 305 -5.69 -7.98 14.41
CA THR K 305 -6.00 -7.22 13.20
C THR K 305 -7.22 -7.80 12.47
N GLY K 306 -7.68 -8.96 12.94
CA GLY K 306 -8.40 -9.88 12.07
C GLY K 306 -9.79 -9.41 11.70
N LYS K 307 -9.95 -9.10 10.41
CA LYS K 307 -11.27 -8.95 9.82
C LYS K 307 -11.81 -10.31 9.41
N PRO K 308 -12.97 -10.36 8.77
CA PRO K 308 -13.49 -11.65 8.31
C PRO K 308 -12.66 -12.19 7.17
N VAL K 309 -11.83 -13.20 7.50
CA VAL K 309 -10.91 -13.81 6.54
C VAL K 309 -10.93 -15.32 6.75
N SER K 310 -10.82 -16.06 5.66
CA SER K 310 -10.90 -17.52 5.69
C SER K 310 -9.51 -18.12 5.52
N TYR K 311 -9.38 -19.38 5.92
CA TYR K 311 -8.11 -20.09 5.79
C TYR K 311 -8.11 -20.97 4.54
N TYR K 312 -7.71 -20.38 3.41
CA TYR K 312 -7.91 -20.86 2.05
C TYR K 312 -7.33 -22.25 1.77
N LEU K 313 -8.07 -23.06 1.03
CA LEU K 313 -7.63 -24.43 0.74
C LEU K 313 -7.05 -24.51 -0.66
N HIS K 314 -5.81 -24.96 -0.75
CA HIS K 314 -5.14 -25.27 -2.01
C HIS K 314 -5.20 -26.76 -2.23
N THR K 315 -5.35 -27.19 -3.48
CA THR K 315 -5.21 -28.59 -3.82
C THR K 315 -4.29 -28.73 -5.03
N ILE K 316 -3.40 -29.71 -4.97
CA ILE K 316 -2.47 -29.95 -6.07
C ILE K 316 -3.24 -30.50 -7.25
N ASP K 317 -3.42 -29.67 -8.27
CA ASP K 317 -4.21 -30.04 -9.45
C ASP K 317 -3.31 -29.76 -10.64
N ARG K 318 -2.61 -30.80 -11.10
CA ARG K 318 -1.73 -30.68 -12.25
C ARG K 318 -2.44 -30.90 -13.57
N THR K 319 -3.75 -30.65 -13.64
CA THR K 319 -4.46 -30.79 -14.91
C THR K 319 -4.68 -29.45 -15.58
N ILE K 320 -4.67 -28.36 -14.81
CA ILE K 320 -4.83 -27.03 -15.40
C ILE K 320 -3.60 -26.66 -16.22
N LEU K 321 -2.43 -27.10 -15.76
CA LEU K 321 -1.20 -26.91 -16.53
C LEU K 321 -1.22 -27.74 -17.80
N GLU K 322 -1.81 -28.94 -17.73
CA GLU K 322 -1.89 -29.79 -18.91
C GLU K 322 -2.86 -29.22 -19.95
N ASN K 323 -4.01 -28.71 -19.51
CA ASN K 323 -4.93 -28.17 -20.52
C ASN K 323 -4.45 -26.82 -21.01
N TYR K 324 -3.62 -26.10 -20.24
CA TYR K 324 -3.00 -24.90 -20.79
C TYR K 324 -1.97 -25.25 -21.87
N PHE K 325 -1.15 -26.28 -21.62
CA PHE K 325 -0.17 -26.69 -22.62
C PHE K 325 -0.82 -27.25 -23.88
N SER K 326 -1.99 -27.88 -23.75
CA SER K 326 -2.68 -28.35 -24.95
C SER K 326 -3.48 -27.23 -25.59
N SER K 327 -3.86 -26.21 -24.81
CA SER K 327 -4.55 -25.05 -25.38
C SER K 327 -3.58 -24.09 -26.05
N LEU K 328 -2.27 -24.32 -25.86
CA LEU K 328 -1.25 -23.54 -26.56
C LEU K 328 -1.36 -23.64 -28.08
N LYS K 329 -1.90 -24.73 -28.61
CA LYS K 329 -1.95 -24.96 -30.05
C LYS K 329 -3.38 -24.93 -30.60
N ASN K 330 -4.19 -23.98 -30.13
CA ASN K 330 -5.58 -23.90 -30.60
C ASN K 330 -5.71 -23.32 -32.02
N PRO K 331 -5.24 -22.08 -32.32
CA PRO K 331 -5.63 -21.62 -33.66
C PRO K 331 -4.70 -22.09 -34.76
N MET L 1 10.27 -47.97 -33.62
CA MET L 1 9.35 -48.69 -32.75
C MET L 1 8.35 -47.73 -32.11
N GLN L 2 7.57 -48.22 -31.17
CA GLN L 2 6.49 -47.44 -30.57
C GLN L 2 6.89 -46.93 -29.20
N ILE L 3 6.38 -45.75 -28.83
CA ILE L 3 6.41 -45.33 -27.43
C ILE L 3 5.03 -44.85 -26.99
N PHE L 4 4.76 -45.09 -25.71
CA PHE L 4 3.63 -44.50 -25.00
C PHE L 4 4.15 -43.41 -24.07
N VAL L 5 3.48 -42.27 -24.09
CA VAL L 5 3.75 -41.19 -23.14
C VAL L 5 2.48 -41.00 -22.31
N LYS L 6 2.54 -41.37 -21.04
CA LYS L 6 1.43 -41.21 -20.11
C LYS L 6 1.51 -39.82 -19.48
N THR L 7 0.39 -39.12 -19.44
CA THR L 7 0.26 -37.89 -18.66
C THR L 7 -0.40 -38.22 -17.33
N LEU L 8 -0.15 -37.37 -16.34
CA LEU L 8 -0.64 -37.66 -14.99
C LEU L 8 -2.14 -37.43 -14.86
N THR L 9 -2.73 -36.66 -15.77
CA THR L 9 -4.18 -36.47 -15.84
C THR L 9 -4.89 -37.60 -16.58
N GLY L 10 -4.18 -38.66 -16.94
CA GLY L 10 -4.82 -39.85 -17.46
C GLY L 10 -4.88 -39.95 -18.97
N LYS L 11 -3.96 -39.32 -19.70
CA LYS L 11 -3.93 -39.40 -21.14
C LYS L 11 -2.57 -39.89 -21.62
N THR L 12 -2.57 -40.65 -22.71
CA THR L 12 -1.34 -41.13 -23.34
C THR L 12 -1.31 -40.70 -24.80
N ILE L 13 -0.11 -40.43 -25.29
CA ILE L 13 0.14 -40.16 -26.70
C ILE L 13 1.15 -41.18 -27.22
N THR L 14 0.83 -41.79 -28.36
CA THR L 14 1.66 -42.81 -28.98
C THR L 14 2.51 -42.20 -30.08
N LEU L 15 3.82 -42.42 -30.00
CA LEU L 15 4.73 -41.72 -30.88
C LEU L 15 5.76 -42.65 -31.52
N GLU L 16 6.31 -42.15 -32.64
CA GLU L 16 7.34 -42.79 -33.44
C GLU L 16 8.70 -42.36 -32.89
N VAL L 17 9.52 -43.33 -32.49
CA VAL L 17 10.76 -43.07 -31.78
C VAL L 17 11.88 -43.87 -32.45
N GLU L 18 13.12 -43.48 -32.14
CA GLU L 18 14.30 -44.33 -32.23
C GLU L 18 14.93 -44.44 -30.85
N PRO L 19 15.27 -45.66 -30.39
CA PRO L 19 15.93 -45.81 -29.09
C PRO L 19 17.37 -45.33 -29.10
N SER L 20 17.94 -45.20 -30.30
CA SER L 20 19.30 -44.72 -30.45
C SER L 20 19.45 -43.22 -30.25
N ASP L 21 18.41 -42.45 -30.54
CA ASP L 21 18.47 -41.02 -30.29
C ASP L 21 18.35 -40.74 -28.80
N THR L 22 18.80 -39.55 -28.38
CA THR L 22 18.71 -39.18 -26.98
C THR L 22 17.27 -38.86 -26.62
N ILE L 23 17.00 -38.86 -25.31
CA ILE L 23 15.65 -38.54 -24.84
C ILE L 23 15.43 -37.04 -24.86
N GLU L 24 16.52 -36.27 -24.94
CA GLU L 24 16.39 -34.83 -25.18
C GLU L 24 15.80 -34.55 -26.55
N ASN L 25 16.12 -35.40 -27.53
CA ASN L 25 15.54 -35.22 -28.86
C ASN L 25 14.06 -35.56 -28.89
N VAL L 26 13.65 -36.60 -28.15
CA VAL L 26 12.23 -36.96 -28.17
C VAL L 26 11.44 -36.04 -27.26
N LYS L 27 12.10 -35.39 -26.29
CA LYS L 27 11.40 -34.38 -25.52
C LYS L 27 11.34 -33.06 -26.27
N ALA L 28 12.28 -32.84 -27.19
CA ALA L 28 12.13 -31.76 -28.16
C ALA L 28 10.96 -32.03 -29.08
N LYS L 29 10.77 -33.29 -29.49
CA LYS L 29 9.59 -33.63 -30.28
C LYS L 29 8.31 -33.54 -29.45
N ILE L 30 8.41 -33.76 -28.13
CA ILE L 30 7.30 -33.52 -27.23
C ILE L 30 6.96 -32.03 -27.19
N GLN L 31 7.98 -31.17 -27.23
CA GLN L 31 7.75 -29.73 -27.35
C GLN L 31 7.09 -29.38 -28.68
N ASP L 32 7.54 -29.99 -29.77
CA ASP L 32 6.95 -29.65 -31.08
C ASP L 32 5.56 -30.24 -31.25
N LYS L 33 5.22 -31.29 -30.50
CA LYS L 33 3.93 -31.96 -30.69
C LYS L 33 2.90 -31.62 -29.63
N GLU L 34 3.31 -31.10 -28.47
CA GLU L 34 2.38 -30.71 -27.42
C GLU L 34 2.64 -29.33 -26.84
N GLY L 35 3.87 -28.84 -26.89
CA GLY L 35 4.18 -27.53 -26.34
C GLY L 35 4.77 -27.53 -24.95
N ILE L 36 5.03 -28.69 -24.37
CA ILE L 36 5.57 -28.79 -23.02
C ILE L 36 7.03 -28.32 -23.05
N PRO L 37 7.43 -27.43 -22.14
CA PRO L 37 8.80 -26.91 -22.17
C PRO L 37 9.83 -27.97 -21.84
N PRO L 38 11.03 -27.86 -22.41
CA PRO L 38 12.10 -28.79 -22.05
C PRO L 38 12.56 -28.67 -20.61
N ASP L 39 12.56 -27.46 -20.04
CA ASP L 39 13.02 -27.30 -18.66
C ASP L 39 12.00 -27.82 -17.67
N GLN L 40 10.73 -27.85 -18.04
CA GLN L 40 9.65 -28.06 -17.10
C GLN L 40 9.23 -29.52 -16.97
N GLN L 41 9.47 -30.34 -18.00
CA GLN L 41 9.03 -31.73 -17.98
C GLN L 41 10.07 -32.63 -17.33
N ARG L 42 9.61 -33.75 -16.75
CA ARG L 42 10.48 -34.84 -16.34
C ARG L 42 9.73 -36.16 -16.47
N LEU L 43 10.39 -37.15 -17.07
CA LEU L 43 9.77 -38.42 -17.43
C LEU L 43 10.41 -39.55 -16.64
N ILE L 44 9.58 -40.32 -15.96
CA ILE L 44 10.04 -41.36 -15.04
C ILE L 44 9.38 -42.68 -15.44
N PHE L 45 10.09 -43.78 -15.21
CA PHE L 45 9.57 -45.12 -15.46
C PHE L 45 10.17 -46.06 -14.42
N ALA L 46 9.32 -46.49 -13.48
CA ALA L 46 9.67 -47.42 -12.40
C ALA L 46 10.83 -46.91 -11.55
N GLY L 47 10.67 -45.71 -11.01
CA GLY L 47 11.67 -45.14 -10.12
C GLY L 47 12.94 -44.69 -10.79
N LYS L 48 12.92 -44.49 -12.10
CA LYS L 48 14.10 -44.12 -12.87
C LYS L 48 13.89 -42.71 -13.41
N GLN L 49 14.56 -41.74 -12.80
CA GLN L 49 14.44 -40.34 -13.23
C GLN L 49 15.46 -40.09 -14.33
N LEU L 50 14.96 -39.76 -15.52
CA LEU L 50 15.77 -39.80 -16.72
C LEU L 50 16.73 -38.61 -16.79
N GLU L 51 17.77 -38.76 -17.61
CA GLU L 51 18.69 -37.68 -17.91
C GLU L 51 18.71 -37.45 -19.42
N ASP L 52 18.91 -36.19 -19.81
CA ASP L 52 18.71 -35.79 -21.20
C ASP L 52 19.82 -36.30 -22.11
N GLY L 53 21.05 -36.36 -21.60
CA GLY L 53 22.16 -36.85 -22.39
C GLY L 53 22.13 -38.32 -22.70
N ARG L 54 21.34 -39.10 -21.98
CA ARG L 54 21.20 -40.52 -22.20
C ARG L 54 20.06 -40.80 -23.18
N THR L 55 20.10 -41.97 -23.79
CA THR L 55 19.12 -42.39 -24.79
C THR L 55 18.03 -43.22 -24.14
N LEU L 56 17.13 -43.74 -24.98
CA LEU L 56 16.04 -44.56 -24.47
C LEU L 56 16.52 -45.97 -24.12
N SER L 57 17.44 -46.51 -24.91
CA SER L 57 17.92 -47.88 -24.65
C SER L 57 18.90 -47.93 -23.49
N ASP L 58 19.47 -46.78 -23.10
CA ASP L 58 20.49 -46.78 -22.05
C ASP L 58 19.87 -47.04 -20.68
N TYR L 59 18.59 -46.76 -20.52
CA TYR L 59 17.89 -47.06 -19.28
C TYR L 59 16.97 -48.28 -19.41
N ASN L 60 17.04 -48.97 -20.55
CA ASN L 60 16.38 -50.27 -20.80
C ASN L 60 14.85 -50.18 -20.68
N ILE L 61 14.25 -49.32 -21.50
CA ILE L 61 12.81 -49.31 -21.70
C ILE L 61 12.52 -49.75 -23.13
N GLN L 62 11.66 -50.75 -23.27
CA GLN L 62 11.54 -51.49 -24.52
C GLN L 62 10.40 -50.96 -25.38
N LYS L 63 10.12 -51.71 -26.44
CA LYS L 63 9.04 -51.37 -27.37
C LYS L 63 7.68 -51.53 -26.70
N GLU L 64 6.74 -50.67 -27.10
CA GLU L 64 5.36 -50.61 -26.62
C GLU L 64 5.29 -50.39 -25.10
N SER L 65 6.28 -49.71 -24.55
CA SER L 65 6.31 -49.41 -23.12
C SER L 65 6.02 -47.93 -22.89
N THR L 66 5.70 -47.61 -21.64
CA THR L 66 5.16 -46.30 -21.28
C THR L 66 6.13 -45.54 -20.40
N LEU L 67 6.32 -44.25 -20.70
CA LEU L 67 6.99 -43.34 -19.79
C LEU L 67 5.99 -42.40 -19.14
N HIS L 68 6.07 -42.28 -17.81
CA HIS L 68 5.17 -41.44 -17.03
C HIS L 68 5.69 -40.01 -17.03
N LEU L 69 4.77 -39.06 -17.19
CA LEU L 69 5.09 -37.65 -17.33
C LEU L 69 4.69 -36.90 -16.07
N VAL L 70 5.62 -36.12 -15.50
CA VAL L 70 5.27 -35.24 -14.40
C VAL L 70 6.08 -33.96 -14.58
N LEU L 71 5.61 -32.89 -13.94
CA LEU L 71 6.10 -31.55 -14.22
C LEU L 71 6.73 -30.95 -12.96
N ARG L 72 7.76 -30.15 -13.18
CA ARG L 72 8.36 -29.37 -12.09
C ARG L 72 8.46 -27.92 -12.54
N LEU L 73 8.42 -27.01 -11.58
CA LEU L 73 8.43 -25.59 -11.86
C LEU L 73 9.84 -25.19 -12.28
N ARG L 74 9.94 -24.34 -13.31
CA ARG L 74 11.22 -24.20 -14.00
C ARG L 74 12.23 -23.39 -13.19
N GLY L 75 11.91 -22.15 -12.82
CA GLY L 75 12.88 -21.33 -12.12
C GLY L 75 14.04 -20.90 -13.01
N CYS L 76 15.08 -20.40 -12.36
CA CYS L 76 16.30 -19.95 -13.06
C CYS L 76 17.50 -19.98 -12.14
#